data_8DXG
#
_entry.id   8DXG
#
_cell.length_a   162.623
_cell.length_b   73.003
_cell.length_c   109.791
_cell.angle_alpha   90.000
_cell.angle_beta   100.560
_cell.angle_gamma   90.000
#
_symmetry.space_group_name_H-M   'C 1 2 1'
#
loop_
_entity.id
_entity.type
_entity.pdbx_description
1 polymer 'Reverse transcriptase/ribonuclease H'
2 polymer 'p51 RT'
3 non-polymer 5-(trifluoromethyl)pyridin-2-one
4 non-polymer 4-{[4-({4-[(E)-2-cyanoethenyl]-2,6-dimethylphenyl}amino)pyrimidin-2-yl]amino}benzonitrile
5 non-polymer 'DIMETHYL SULFOXIDE'
6 non-polymer 1,2-ETHANEDIOL
7 non-polymer 'MAGNESIUM ION'
8 non-polymer 'SULFATE ION'
9 water water
#
loop_
_entity_poly.entity_id
_entity_poly.type
_entity_poly.pdbx_seq_one_letter_code
_entity_poly.pdbx_strand_id
1 'polypeptide(L)'
;MVPISPIETVPVKLKPGMDGPKVKQWPLTEEKIKALVEICTEMEKEGKISKIGPENPYNTPVFAIKKKDSTKWRKLVDFR
ELNKRTQDFWEVQLGIPHPAGLKKKKSVTVLDVGDAYFSVPLDEDFRKYTAFTIPSINNETPGIRYQYNVLPQGWKGSPA
IFQSSMTKILEPFAAQNPDIVIYQYMDDLYVGSDLEIGQHRTKIEELRQHLLRWGLTTPDKKHQKEPPFLWMGYELHPDK
WTVQPIVLPEKDSWTVNDIQKLVGKLNWASQIYPGIKVRQLSKLLRGTKALTEVIPLTEEAELELAENREILKEPVHGVY
YDPSKDLIAEIQKQGQGQWTYQIYQEPFKNLKTGKYARMRGAHTNDVKQLTEAVQKITTESIVIWGKTPKFKLPIQKETW
ETWWTEYWQATWIPEWEFVNTPPLVKLWYQLEKEPIVGAETFYVDGAANRETKLGKAGYVTNKGRQKVVPLTNTTNQKTE
LQAIYLALQDSGLEVNIVTDSQYALGIIQAQPDKSESELVNQIIEQLIKKEKVYLAWVPAHKGIGGNEQVDKLVSAG
;
A
2 'polypeptide(L)'
;PISPIETVPVKLKPGMDGPKVKQWPLTEEKIKALVEICTEMEKEGKISKIGPENPYNTPVFAIKKKDSTKWRKLVDFREL
NKRTQDFWEVQLGIPHPAGLKKKKSVTVLDVGDAYFSVPLDEDFRKYTAFTIPSINNETPGIRYQYNVLPQGWKGSPAIF
QSSMTKILEPFKKQNPDIVIYQYMDDLYVGSDLEIGQHRTKIEELRQHLLRWGLTTPDKKHQKEPPFLWMGYELHPDKWT
VQPIVLPEKDSWTVNDIQKLVGKLNWASQIYPGIKVRQLSKLLRGTKALTEVIPLTEEAELELAENREILKEPVHGVYYD
PSKDLIAEIQKQGQGQWTYQIYQEPFKNLKTGKYARMRGAHTNDVKQLTEAVQKITTESIVIWGKTPKFKLPIQKETWET
WWTEYWQATWIPEWEFVNTPPLVKLWYQ
;
B
#
loop_
_chem_comp.id
_chem_comp.type
_chem_comp.name
_chem_comp.formula
DMS non-polymer 'DIMETHYL SULFOXIDE' 'C2 H6 O S'
EDO non-polymer 1,2-ETHANEDIOL 'C2 H6 O2'
MG non-polymer 'MAGNESIUM ION' 'Mg 2'
SO4 non-polymer 'SULFATE ION' 'O4 S -2'
T27 non-polymer 4-{[4-({4-[(E)-2-cyanoethenyl]-2,6-dimethylphenyl}amino)pyrimidin-2-yl]amino}benzonitrile 'C22 H18 N6'
U4D non-polymer 5-(trifluoromethyl)pyridin-2-one 'C6 H4 F3 N O'
#
# COMPACT_ATOMS: atom_id res chain seq x y z
N MET A 1 -27.57 -45.67 -18.84
CA MET A 1 -26.99 -44.59 -18.00
C MET A 1 -27.14 -43.24 -18.69
N VAL A 2 -27.05 -42.18 -17.90
CA VAL A 2 -27.04 -40.81 -18.41
C VAL A 2 -25.58 -40.35 -18.44
N PRO A 3 -25.03 -39.99 -19.60
CA PRO A 3 -23.64 -39.52 -19.63
C PRO A 3 -23.47 -38.29 -18.76
N ILE A 4 -22.34 -38.22 -18.06
CA ILE A 4 -22.01 -37.08 -17.22
C ILE A 4 -20.73 -36.44 -17.74
N SER A 5 -20.63 -35.12 -17.56
CA SER A 5 -19.43 -34.42 -17.97
C SER A 5 -18.30 -34.70 -16.99
N PRO A 6 -17.09 -34.96 -17.47
CA PRO A 6 -15.96 -35.16 -16.56
C PRO A 6 -15.50 -33.84 -15.96
N ILE A 7 -14.91 -33.93 -14.77
CA ILE A 7 -14.33 -32.76 -14.12
C ILE A 7 -12.87 -32.66 -14.56
N GLU A 8 -12.55 -31.60 -15.28
CA GLU A 8 -11.19 -31.36 -15.76
C GLU A 8 -10.20 -31.42 -14.60
N THR A 9 -9.09 -32.14 -14.80
CA THR A 9 -8.08 -32.28 -13.78
C THR A 9 -7.12 -31.09 -13.81
N VAL A 10 -6.63 -30.72 -12.63
CA VAL A 10 -5.67 -29.64 -12.49
C VAL A 10 -4.27 -30.25 -12.56
N PRO A 11 -3.41 -29.82 -13.48
CA PRO A 11 -2.04 -30.36 -13.52
C PRO A 11 -1.25 -29.89 -12.31
N VAL A 12 -0.58 -30.83 -11.65
CA VAL A 12 0.15 -30.57 -10.42
C VAL A 12 1.60 -30.96 -10.60
N LYS A 13 2.50 -30.20 -9.99
CA LYS A 13 3.93 -30.46 -10.04
C LYS A 13 4.52 -30.37 -8.65
N LEU A 14 5.63 -31.06 -8.45
CA LEU A 14 6.44 -30.86 -7.27
C LEU A 14 7.28 -29.59 -7.43
N LYS A 15 7.67 -29.01 -6.30
CA LYS A 15 8.52 -27.83 -6.34
C LYS A 15 9.77 -28.13 -7.16
N PRO A 16 10.36 -27.12 -7.80
CA PRO A 16 11.53 -27.37 -8.64
C PRO A 16 12.63 -28.12 -7.91
N GLY A 17 13.15 -29.16 -8.54
CA GLY A 17 14.29 -29.90 -8.04
C GLY A 17 13.97 -30.96 -7.00
N MET A 18 12.74 -31.01 -6.48
CA MET A 18 12.40 -31.96 -5.45
C MET A 18 11.79 -33.22 -6.03
N ASP A 19 11.92 -34.32 -5.30
CA ASP A 19 11.34 -35.61 -5.65
C ASP A 19 10.25 -35.96 -4.64
N GLY A 20 9.50 -37.01 -4.94
CA GLY A 20 8.42 -37.44 -4.09
C GLY A 20 8.90 -37.98 -2.76
N PRO A 21 7.97 -38.25 -1.86
CA PRO A 21 8.33 -38.79 -0.55
C PRO A 21 8.68 -40.28 -0.61
N LYS A 22 9.60 -40.67 0.28
CA LYS A 22 9.99 -42.07 0.44
C LYS A 22 10.10 -42.34 1.94
N VAL A 23 8.95 -42.31 2.60
CA VAL A 23 8.89 -42.42 4.06
C VAL A 23 8.63 -43.86 4.45
N LYS A 24 9.37 -44.34 5.43
CA LYS A 24 9.21 -45.71 5.88
C LYS A 24 7.96 -45.87 6.68
N GLN A 25 7.28 -46.94 6.45
CA GLN A 25 6.00 -47.17 7.10
C GLN A 25 6.20 -47.91 8.42
N TRP A 26 6.03 -47.28 9.56
CA TRP A 26 6.37 -48.10 10.71
C TRP A 26 5.57 -49.37 10.66
N PRO A 27 5.72 -50.15 11.70
CA PRO A 27 4.94 -51.37 11.92
C PRO A 27 3.65 -51.07 12.66
N LEU A 28 2.65 -51.91 12.43
CA LEU A 28 1.33 -51.72 13.01
C LEU A 28 0.86 -53.02 13.65
N THR A 29 0.06 -52.88 14.71
CA THR A 29 -0.50 -54.04 15.38
C THR A 29 -1.40 -54.82 14.42
N GLU A 30 -1.50 -56.13 14.67
CA GLU A 30 -2.37 -56.97 13.85
C GLU A 30 -3.80 -56.44 13.86
N GLU A 31 -4.21 -55.79 14.95
CA GLU A 31 -5.55 -55.24 15.05
C GLU A 31 -5.75 -54.07 14.09
N LYS A 32 -4.79 -53.15 14.06
CA LYS A 32 -4.90 -51.99 13.17
C LYS A 32 -4.85 -52.40 11.70
N ILE A 33 -4.02 -53.38 11.36
CA ILE A 33 -3.86 -53.78 9.96
C ILE A 33 -5.18 -54.30 9.40
N LYS A 34 -5.85 -55.17 10.16
CA LYS A 34 -7.13 -55.70 9.70
C LYS A 34 -8.12 -54.58 9.42
N ALA A 35 -8.17 -53.56 10.29
CA ALA A 35 -9.08 -52.44 10.09
C ALA A 35 -8.74 -51.68 8.82
N LEU A 36 -7.46 -51.38 8.62
CA LEU A 36 -7.06 -50.60 7.44
C LEU A 36 -7.38 -51.33 6.15
N VAL A 37 -7.21 -52.66 6.13
CA VAL A 37 -7.46 -53.43 4.92
C VAL A 37 -8.93 -53.35 4.53
N GLU A 38 -9.83 -53.46 5.51
CA GLU A 38 -11.26 -53.36 5.21
C GLU A 38 -11.62 -51.96 4.73
N ILE A 39 -11.12 -50.93 5.43
CA ILE A 39 -11.37 -49.55 5.00
C ILE A 39 -10.90 -49.34 3.58
N CYS A 40 -9.66 -49.75 3.28
CA CYS A 40 -9.10 -49.50 1.96
C CYS A 40 -9.76 -50.35 0.89
N THR A 41 -10.30 -51.52 1.25
CA THR A 41 -11.07 -52.29 0.28
C THR A 41 -12.34 -51.55 -0.12
N GLU A 42 -13.02 -50.92 0.84
CA GLU A 42 -14.19 -50.13 0.52
C GLU A 42 -13.83 -48.94 -0.36
N MET A 43 -12.76 -48.23 -0.02
CA MET A 43 -12.34 -47.08 -0.81
C MET A 43 -11.99 -47.49 -2.23
N GLU A 44 -11.36 -48.65 -2.40
CA GLU A 44 -11.01 -49.11 -3.75
C GLU A 44 -12.26 -49.40 -4.57
N LYS A 45 -13.27 -50.02 -3.95
CA LYS A 45 -14.53 -50.27 -4.65
C LYS A 45 -15.18 -48.97 -5.09
N GLU A 46 -15.04 -47.92 -4.28
CA GLU A 46 -15.61 -46.61 -4.60
C GLU A 46 -14.77 -45.83 -5.59
N GLY A 47 -13.62 -46.35 -6.02
CA GLY A 47 -12.79 -45.71 -7.01
C GLY A 47 -11.81 -44.68 -6.47
N LYS A 48 -11.74 -44.51 -5.15
CA LYS A 48 -10.90 -43.46 -4.59
C LYS A 48 -9.42 -43.80 -4.67
N ILE A 49 -9.05 -45.07 -4.54
CA ILE A 49 -7.67 -45.50 -4.61
C ILE A 49 -7.57 -46.73 -5.51
N SER A 50 -6.34 -47.04 -5.92
CA SER A 50 -6.07 -48.20 -6.76
C SER A 50 -4.80 -48.88 -6.29
N LYS A 51 -4.77 -50.20 -6.38
CA LYS A 51 -3.57 -50.95 -6.08
C LYS A 51 -2.52 -50.74 -7.16
N ILE A 52 -1.25 -50.71 -6.74
CA ILE A 52 -0.13 -50.45 -7.64
C ILE A 52 0.89 -51.57 -7.49
N GLY A 53 1.77 -51.66 -8.49
CA GLY A 53 2.84 -52.63 -8.45
C GLY A 53 3.96 -52.20 -7.54
N PRO A 54 5.04 -52.99 -7.53
CA PRO A 54 6.20 -52.67 -6.69
C PRO A 54 7.18 -51.70 -7.33
N GLU A 55 6.91 -51.26 -8.56
CA GLU A 55 7.85 -50.36 -9.24
C GLU A 55 7.83 -48.97 -8.60
N ASN A 56 6.68 -48.49 -8.17
CA ASN A 56 6.55 -47.17 -7.58
C ASN A 56 7.47 -47.07 -6.36
N PRO A 57 8.44 -46.15 -6.36
CA PRO A 57 9.39 -46.07 -5.23
C PRO A 57 8.96 -45.15 -4.09
N TYR A 58 7.77 -44.56 -4.16
CA TYR A 58 7.35 -43.55 -3.21
C TYR A 58 6.50 -44.16 -2.11
N ASN A 59 6.45 -43.46 -0.97
CA ASN A 59 5.64 -43.95 0.14
C ASN A 59 5.37 -42.83 1.14
N THR A 60 4.17 -42.85 1.72
CA THR A 60 3.72 -41.96 2.77
C THR A 60 3.12 -42.81 3.89
N PRO A 61 3.43 -42.52 5.15
CA PRO A 61 2.97 -43.41 6.22
C PRO A 61 1.46 -43.33 6.40
N VAL A 62 0.89 -44.45 6.82
CA VAL A 62 -0.53 -44.55 7.13
C VAL A 62 -0.68 -44.97 8.59
N PHE A 63 -1.72 -44.44 9.23
CA PHE A 63 -1.98 -44.70 10.65
C PHE A 63 -3.41 -45.20 10.83
N ALA A 64 -3.67 -45.76 12.01
CA ALA A 64 -5.01 -46.15 12.42
C ALA A 64 -5.30 -45.53 13.78
N ILE A 65 -6.33 -44.68 13.83
CA ILE A 65 -6.71 -43.99 15.05
C ILE A 65 -8.07 -44.48 15.51
N LYS A 66 -8.21 -44.68 16.82
CA LYS A 66 -9.47 -45.12 17.41
C LYS A 66 -10.40 -43.92 17.53
N LYS A 67 -11.46 -43.88 16.73
CA LYS A 67 -12.47 -42.84 16.91
C LYS A 67 -13.03 -42.95 18.32
N LYS A 68 -12.83 -41.90 19.12
CA LYS A 68 -13.05 -41.98 20.55
C LYS A 68 -14.45 -42.50 20.88
N ASP A 69 -14.53 -43.28 21.95
CA ASP A 69 -15.79 -43.89 22.40
C ASP A 69 -16.49 -44.61 21.25
N SER A 70 -15.75 -45.53 20.62
CA SER A 70 -16.27 -46.36 19.55
C SER A 70 -15.26 -47.47 19.29
N THR A 71 -15.76 -48.57 18.73
CA THR A 71 -14.91 -49.68 18.33
C THR A 71 -14.44 -49.57 16.89
N LYS A 72 -14.86 -48.53 16.17
CA LYS A 72 -14.51 -48.35 14.76
C LYS A 72 -13.20 -47.59 14.64
N TRP A 73 -12.26 -48.15 13.89
CA TRP A 73 -11.00 -47.46 13.59
C TRP A 73 -11.19 -46.56 12.38
N ARG A 74 -10.40 -45.50 12.33
CA ARG A 74 -10.34 -44.58 11.19
C ARG A 74 -8.91 -44.56 10.66
N LYS A 75 -8.77 -44.38 9.35
CA LYS A 75 -7.46 -44.33 8.73
C LYS A 75 -6.98 -42.89 8.62
N LEU A 76 -5.66 -42.72 8.68
CA LEU A 76 -5.03 -41.41 8.53
C LEU A 76 -3.78 -41.59 7.68
N VAL A 77 -3.81 -41.07 6.46
CA VAL A 77 -2.63 -41.02 5.61
C VAL A 77 -1.95 -39.67 5.85
N ASP A 78 -0.76 -39.71 6.43
CA ASP A 78 -0.06 -38.51 6.90
C ASP A 78 0.79 -37.95 5.77
N PHE A 79 0.27 -36.93 5.08
CA PHE A 79 0.94 -36.36 3.90
C PHE A 79 1.86 -35.19 4.23
N ARG A 80 2.30 -35.06 5.49
CA ARG A 80 3.13 -33.92 5.84
C ARG A 80 4.37 -33.83 4.96
N GLU A 81 4.96 -34.99 4.62
CA GLU A 81 6.19 -34.98 3.84
C GLU A 81 5.93 -34.59 2.39
N LEU A 82 4.88 -35.16 1.78
CA LEU A 82 4.54 -34.80 0.40
C LEU A 82 4.17 -33.32 0.30
N ASN A 83 3.50 -32.78 1.33
CA ASN A 83 3.07 -31.39 1.28
C ASN A 83 4.27 -30.45 1.22
N LYS A 84 5.33 -30.74 1.97
CA LYS A 84 6.54 -29.93 1.89
C LYS A 84 7.12 -29.91 0.47
N ARG A 85 6.83 -30.92 -0.33
CA ARG A 85 7.40 -31.07 -1.66
C ARG A 85 6.43 -30.70 -2.78
N THR A 86 5.19 -30.36 -2.45
CA THR A 86 4.19 -29.99 -3.44
C THR A 86 4.25 -28.49 -3.71
N GLN A 87 4.08 -28.12 -4.94
CA GLN A 87 4.05 -26.72 -5.34
C GLN A 87 3.05 -25.88 -4.57
N ASP A 88 3.26 -24.58 -4.59
CA ASP A 88 2.29 -23.64 -4.03
C ASP A 88 1.11 -23.50 -4.98
N PHE A 89 -0.06 -23.22 -4.40
CA PHE A 89 -1.29 -23.03 -5.16
C PHE A 89 -1.86 -21.64 -4.89
N TRP A 90 -2.83 -21.27 -5.72
CA TRP A 90 -3.63 -20.07 -5.45
C TRP A 90 -4.69 -20.41 -4.42
N GLU A 91 -4.71 -19.68 -3.33
CA GLU A 91 -5.66 -19.89 -2.23
C GLU A 91 -6.70 -18.78 -2.29
N VAL A 92 -7.92 -19.14 -2.69
CA VAL A 92 -8.97 -18.15 -2.86
C VAL A 92 -9.58 -17.69 -1.54
N GLN A 93 -9.50 -18.50 -0.50
CA GLN A 93 -10.21 -18.20 0.75
CA GLN A 93 -10.18 -18.24 0.77
C GLN A 93 -9.41 -17.31 1.69
N LEU A 94 -8.28 -16.74 1.23
CA LEU A 94 -7.47 -15.89 2.10
C LEU A 94 -8.31 -14.76 2.70
N GLY A 95 -9.04 -14.04 1.85
CA GLY A 95 -9.92 -12.97 2.30
C GLY A 95 -11.34 -13.47 2.43
N ILE A 96 -11.89 -13.38 3.64
CA ILE A 96 -13.24 -13.88 3.90
C ILE A 96 -14.21 -12.71 3.87
N PRO A 97 -15.46 -12.92 3.47
CA PRO A 97 -16.42 -11.82 3.48
C PRO A 97 -16.67 -11.32 4.90
N HIS A 98 -16.83 -10.00 5.02
CA HIS A 98 -17.26 -9.50 6.32
C HIS A 98 -18.79 -9.40 6.35
N PRO A 99 -19.43 -9.87 7.43
CA PRO A 99 -20.90 -9.84 7.46
C PRO A 99 -21.51 -8.49 7.15
N ALA A 100 -20.85 -7.39 7.53
CA ALA A 100 -21.39 -6.06 7.29
C ALA A 100 -21.49 -5.70 5.81
N GLY A 101 -20.83 -6.46 4.93
CA GLY A 101 -20.90 -6.21 3.51
C GLY A 101 -21.92 -7.09 2.81
N LEU A 102 -22.45 -8.08 3.53
CA LEU A 102 -23.47 -8.95 2.96
C LEU A 102 -24.78 -8.18 2.80
N LYS A 103 -25.67 -8.75 2.00
CA LYS A 103 -27.00 -8.22 1.77
C LYS A 103 -28.04 -9.07 2.50
N LYS A 104 -29.10 -8.46 2.94
CA LYS A 104 -30.13 -9.23 3.58
C LYS A 104 -30.79 -10.21 2.61
N LYS A 105 -31.15 -11.36 3.09
CA LYS A 105 -31.71 -12.45 2.31
C LYS A 105 -32.95 -12.98 3.02
N LYS A 106 -34.03 -13.16 2.27
CA LYS A 106 -35.23 -13.79 2.84
C LYS A 106 -34.98 -15.26 3.17
N SER A 107 -34.34 -15.99 2.26
CA SER A 107 -34.14 -17.42 2.39
C SER A 107 -32.68 -17.76 2.13
N VAL A 108 -32.15 -18.73 2.88
CA VAL A 108 -30.82 -19.25 2.66
C VAL A 108 -30.88 -20.75 2.90
N THR A 109 -30.67 -21.53 1.84
CA THR A 109 -30.67 -22.98 1.91
C THR A 109 -29.24 -23.50 1.88
N VAL A 110 -29.03 -24.64 2.53
CA VAL A 110 -27.72 -25.29 2.58
C VAL A 110 -27.81 -26.62 1.85
N LEU A 111 -26.83 -26.89 0.99
CA LEU A 111 -26.73 -28.14 0.25
C LEU A 111 -25.42 -28.82 0.61
N ASP A 112 -25.48 -30.12 0.88
CA ASP A 112 -24.30 -30.91 1.19
C ASP A 112 -23.67 -31.40 -0.11
N VAL A 113 -22.39 -31.06 -0.32
CA VAL A 113 -21.67 -31.48 -1.52
C VAL A 113 -20.48 -32.33 -1.10
N GLY A 114 -20.62 -33.05 0.02
CA GLY A 114 -19.53 -33.87 0.50
C GLY A 114 -19.15 -34.98 -0.47
N ASP A 115 -20.15 -35.56 -1.15
CA ASP A 115 -19.88 -36.63 -2.09
C ASP A 115 -19.26 -36.13 -3.38
N ALA A 116 -19.57 -34.90 -3.79
CA ALA A 116 -18.95 -34.31 -4.98
C ALA A 116 -17.44 -34.23 -4.81
N TYR A 117 -16.97 -34.08 -3.56
CA TYR A 117 -15.54 -33.94 -3.31
C TYR A 117 -14.74 -35.09 -3.90
N PHE A 118 -15.34 -36.28 -3.99
CA PHE A 118 -14.63 -37.47 -4.47
C PHE A 118 -14.89 -37.76 -5.93
N SER A 119 -15.65 -36.91 -6.62
CA SER A 119 -15.70 -36.95 -8.08
C SER A 119 -14.62 -36.10 -8.72
N VAL A 120 -13.82 -35.40 -7.90
CA VAL A 120 -12.73 -34.55 -8.39
C VAL A 120 -11.50 -35.43 -8.56
N PRO A 121 -11.08 -35.75 -9.78
CA PRO A 121 -9.91 -36.61 -9.96
C PRO A 121 -8.61 -35.88 -9.68
N LEU A 122 -7.60 -36.66 -9.28
CA LEU A 122 -6.25 -36.16 -9.10
C LEU A 122 -5.49 -36.30 -10.40
N ASP A 123 -4.68 -35.29 -10.72
CA ASP A 123 -3.84 -35.33 -11.91
C ASP A 123 -3.14 -36.67 -12.03
N GLU A 124 -3.35 -37.35 -13.17
CA GLU A 124 -2.84 -38.70 -13.34
C GLU A 124 -1.34 -38.78 -13.08
N ASP A 125 -0.57 -37.81 -13.59
CA ASP A 125 0.88 -37.85 -13.46
C ASP A 125 1.37 -37.59 -12.05
N PHE A 126 0.50 -37.12 -11.15
CA PHE A 126 0.87 -36.85 -9.77
C PHE A 126 0.51 -37.98 -8.82
N ARG A 127 -0.35 -38.90 -9.25
CA ARG A 127 -0.87 -39.92 -8.34
C ARG A 127 0.24 -40.78 -7.75
N LYS A 128 1.27 -41.08 -8.54
CA LYS A 128 2.34 -41.94 -8.06
C LYS A 128 2.95 -41.41 -6.76
N TYR A 129 2.93 -40.09 -6.56
CA TYR A 129 3.51 -39.49 -5.37
C TYR A 129 2.67 -39.71 -4.11
N THR A 130 1.43 -40.17 -4.25
CA THR A 130 0.55 -40.37 -3.11
C THR A 130 0.56 -41.81 -2.61
N ALA A 131 1.53 -42.62 -3.03
CA ALA A 131 1.52 -44.03 -2.69
C ALA A 131 1.67 -44.23 -1.18
N PHE A 132 0.98 -45.25 -0.65
CA PHE A 132 1.12 -45.66 0.73
C PHE A 132 0.99 -47.17 0.81
N THR A 133 1.34 -47.71 1.97
CA THR A 133 1.44 -49.16 2.17
C THR A 133 0.74 -49.56 3.46
N ILE A 134 -0.11 -50.57 3.38
CA ILE A 134 -0.62 -51.26 4.56
C ILE A 134 0.36 -52.39 4.89
N PRO A 135 0.96 -52.41 6.07
CA PRO A 135 1.87 -53.51 6.39
C PRO A 135 1.12 -54.82 6.43
N SER A 136 1.84 -55.91 6.16
CA SER A 136 1.21 -57.22 6.15
C SER A 136 1.26 -57.85 7.54
N ILE A 137 0.35 -58.78 7.77
CA ILE A 137 0.29 -59.50 9.04
C ILE A 137 1.62 -60.21 9.26
N ASN A 138 2.29 -59.90 10.37
CA ASN A 138 3.55 -60.53 10.78
C ASN A 138 4.69 -60.25 9.83
N ASN A 139 4.50 -59.37 8.85
CA ASN A 139 5.57 -58.99 7.89
C ASN A 139 6.08 -60.22 7.14
N GLU A 140 5.18 -61.12 6.77
CA GLU A 140 5.58 -62.36 6.06
C GLU A 140 5.22 -62.25 4.57
N THR A 141 4.50 -61.21 4.17
CA THR A 141 4.21 -60.98 2.75
C THR A 141 4.49 -59.52 2.44
N PRO A 142 4.49 -59.16 1.16
CA PRO A 142 4.59 -57.73 0.82
C PRO A 142 3.39 -56.95 1.34
N GLY A 143 3.64 -55.71 1.74
CA GLY A 143 2.54 -54.84 2.09
C GLY A 143 1.68 -54.53 0.89
N ILE A 144 0.42 -54.19 1.16
CA ILE A 144 -0.52 -53.81 0.10
C ILE A 144 -0.25 -52.35 -0.25
N ARG A 145 0.01 -52.10 -1.53
CA ARG A 145 0.40 -50.78 -2.02
C ARG A 145 -0.77 -50.14 -2.76
N TYR A 146 -1.12 -48.91 -2.37
CA TYR A 146 -2.18 -48.15 -2.99
C TYR A 146 -1.66 -46.78 -3.38
N GLN A 147 -2.37 -46.15 -4.33
CA GLN A 147 -2.21 -44.73 -4.61
C GLN A 147 -3.59 -44.12 -4.83
N TYR A 148 -3.66 -42.80 -4.70
CA TYR A 148 -4.93 -42.08 -4.78
C TYR A 148 -5.29 -41.74 -6.22
N ASN A 149 -6.58 -41.82 -6.54
CA ASN A 149 -7.13 -41.31 -7.78
C ASN A 149 -7.91 -40.02 -7.59
N VAL A 150 -8.19 -39.63 -6.35
CA VAL A 150 -8.96 -38.43 -6.04
C VAL A 150 -8.13 -37.57 -5.08
N LEU A 151 -8.63 -36.36 -4.84
CA LEU A 151 -7.97 -35.43 -3.93
C LEU A 151 -7.91 -36.02 -2.52
N PRO A 152 -6.72 -36.26 -1.96
CA PRO A 152 -6.65 -36.80 -0.60
C PRO A 152 -6.87 -35.71 0.44
N GLN A 153 -7.70 -36.01 1.44
CA GLN A 153 -7.79 -35.16 2.61
C GLN A 153 -6.42 -35.04 3.25
N GLY A 154 -6.04 -33.82 3.63
CA GLY A 154 -4.77 -33.56 4.23
C GLY A 154 -3.65 -33.26 3.26
N TRP A 155 -3.88 -33.44 1.95
CA TRP A 155 -2.89 -33.04 0.97
C TRP A 155 -2.99 -31.54 0.71
N LYS A 156 -1.84 -30.92 0.45
CA LYS A 156 -1.75 -29.47 0.37
C LYS A 156 -2.70 -28.90 -0.67
N GLY A 157 -2.81 -29.53 -1.83
CA GLY A 157 -3.55 -28.96 -2.93
C GLY A 157 -5.05 -29.25 -2.95
N SER A 158 -5.55 -30.06 -2.01
CA SER A 158 -6.94 -30.48 -2.11
C SER A 158 -7.93 -29.33 -1.88
N PRO A 159 -7.76 -28.47 -0.86
CA PRO A 159 -8.73 -27.39 -0.69
C PRO A 159 -8.84 -26.47 -1.90
N ALA A 160 -7.71 -26.06 -2.47
CA ALA A 160 -7.74 -25.14 -3.60
C ALA A 160 -8.30 -25.79 -4.85
N ILE A 161 -7.90 -27.03 -5.13
CA ILE A 161 -8.38 -27.70 -6.34
C ILE A 161 -9.87 -28.03 -6.21
N PHE A 162 -10.32 -28.40 -5.00
CA PHE A 162 -11.74 -28.67 -4.81
C PHE A 162 -12.57 -27.41 -5.06
N GLN A 163 -12.18 -26.30 -4.42
CA GLN A 163 -12.95 -25.07 -4.56
C GLN A 163 -12.96 -24.58 -6.00
N SER A 164 -11.79 -24.55 -6.63
CA SER A 164 -11.72 -24.09 -8.02
C SER A 164 -12.55 -24.97 -8.94
N SER A 165 -12.68 -26.26 -8.62
CA SER A 165 -13.46 -27.16 -9.45
C SER A 165 -14.96 -26.96 -9.24
N MET A 166 -15.37 -26.73 -7.98
CA MET A 166 -16.77 -26.43 -7.72
C MET A 166 -17.17 -25.07 -8.32
N THR A 167 -16.31 -24.07 -8.17
CA THR A 167 -16.61 -22.74 -8.72
C THR A 167 -16.83 -22.82 -10.22
N LYS A 168 -15.92 -23.49 -10.93
CA LYS A 168 -16.07 -23.66 -12.37
C LYS A 168 -17.40 -24.29 -12.73
N ILE A 169 -17.83 -25.29 -11.95
CA ILE A 169 -19.12 -25.93 -12.20
C ILE A 169 -20.26 -24.95 -11.95
N LEU A 170 -20.14 -24.12 -10.92
CA LEU A 170 -21.25 -23.26 -10.50
C LEU A 170 -21.35 -21.98 -11.31
N GLU A 171 -20.27 -21.55 -11.96
CA GLU A 171 -20.27 -20.26 -12.66
C GLU A 171 -21.45 -20.08 -13.60
N PRO A 172 -21.73 -20.99 -14.56
CA PRO A 172 -22.87 -20.76 -15.45
C PRO A 172 -24.21 -20.70 -14.73
N PHE A 173 -24.40 -21.45 -13.65
CA PHE A 173 -25.67 -21.38 -12.92
C PHE A 173 -25.82 -20.04 -12.24
N ALA A 174 -24.74 -19.52 -11.63
CA ALA A 174 -24.80 -18.21 -10.99
C ALA A 174 -25.02 -17.11 -12.01
N ALA A 175 -24.30 -17.16 -13.14
CA ALA A 175 -24.39 -16.10 -14.14
C ALA A 175 -25.79 -16.00 -14.72
N GLN A 176 -26.46 -17.13 -14.90
CA GLN A 176 -27.80 -17.16 -15.49
C GLN A 176 -28.90 -17.14 -14.45
N ASN A 177 -28.56 -17.03 -13.17
CA ASN A 177 -29.53 -16.83 -12.08
C ASN A 177 -29.02 -15.69 -11.21
N PRO A 178 -29.00 -14.46 -11.73
CA PRO A 178 -28.46 -13.34 -10.97
C PRO A 178 -29.29 -12.93 -9.76
N ASP A 179 -30.43 -13.58 -9.52
CA ASP A 179 -31.27 -13.28 -8.37
C ASP A 179 -30.99 -14.20 -7.18
N ILE A 180 -29.89 -14.96 -7.23
CA ILE A 180 -29.46 -15.75 -6.08
C ILE A 180 -27.97 -15.51 -5.87
N VAL A 181 -27.51 -15.84 -4.67
CA VAL A 181 -26.10 -15.84 -4.32
C VAL A 181 -25.73 -17.24 -3.88
N ILE A 182 -24.50 -17.65 -4.20
CA ILE A 182 -23.99 -18.97 -3.85
C ILE A 182 -22.62 -18.80 -3.22
N TYR A 183 -22.44 -19.46 -2.08
CA TYR A 183 -21.15 -19.40 -1.35
C TYR A 183 -20.80 -20.80 -0.86
N GLN A 184 -19.57 -21.20 -1.06
CA GLN A 184 -19.10 -22.52 -0.66
C GLN A 184 -18.23 -22.40 0.59
N TYR A 185 -18.53 -23.22 1.59
CA TYR A 185 -17.74 -23.27 2.82
C TYR A 185 -17.65 -24.72 3.27
N MET A 186 -16.44 -25.27 3.27
CA MET A 186 -16.21 -26.66 3.65
C MET A 186 -16.96 -27.54 2.65
N ASP A 187 -17.81 -28.46 3.09
CA ASP A 187 -18.52 -29.38 2.21
C ASP A 187 -19.95 -28.93 1.91
N ASP A 188 -20.22 -27.62 2.00
CA ASP A 188 -21.58 -27.11 1.87
C ASP A 188 -21.64 -25.95 0.90
N LEU A 189 -22.76 -25.88 0.18
CA LEU A 189 -23.12 -24.72 -0.62
C LEU A 189 -24.24 -23.98 0.09
N TYR A 190 -24.11 -22.66 0.18
CA TYR A 190 -25.14 -21.81 0.79
C TYR A 190 -25.76 -20.95 -0.30
N VAL A 191 -27.07 -21.10 -0.50
CA VAL A 191 -27.79 -20.46 -1.59
C VAL A 191 -28.82 -19.53 -0.98
N GLY A 192 -28.65 -18.23 -1.22
CA GLY A 192 -29.56 -17.22 -0.69
C GLY A 192 -30.25 -16.46 -1.80
N SER A 193 -31.42 -15.93 -1.49
CA SER A 193 -32.19 -15.16 -2.45
C SER A 193 -33.26 -14.37 -1.72
N ASP A 194 -33.88 -13.44 -2.45
CA ASP A 194 -35.04 -12.69 -1.98
C ASP A 194 -36.34 -13.16 -2.62
N LEU A 195 -36.33 -14.32 -3.26
CA LEU A 195 -37.50 -14.85 -3.92
C LEU A 195 -38.50 -15.39 -2.90
N GLU A 196 -39.78 -15.35 -3.26
CA GLU A 196 -40.78 -16.08 -2.49
C GLU A 196 -40.34 -17.53 -2.35
N ILE A 197 -40.66 -18.12 -1.20
CA ILE A 197 -40.08 -19.42 -0.85
C ILE A 197 -40.32 -20.46 -1.95
N GLY A 198 -41.44 -20.36 -2.66
CA GLY A 198 -41.71 -21.31 -3.72
C GLY A 198 -40.71 -21.19 -4.86
N GLN A 199 -40.54 -19.97 -5.39
CA GLN A 199 -39.52 -19.75 -6.41
C GLN A 199 -38.13 -20.12 -5.90
N HIS A 200 -37.83 -19.77 -4.65
CA HIS A 200 -36.51 -20.07 -4.10
C HIS A 200 -36.24 -21.57 -4.13
N ARG A 201 -37.19 -22.37 -3.65
CA ARG A 201 -37.01 -23.82 -3.63
C ARG A 201 -36.98 -24.40 -5.04
N THR A 202 -37.58 -23.72 -6.01
CA THR A 202 -37.44 -24.14 -7.40
C THR A 202 -36.00 -23.95 -7.88
N LYS A 203 -35.42 -22.79 -7.61
CA LYS A 203 -34.01 -22.57 -7.95
C LYS A 203 -33.13 -23.64 -7.34
N ILE A 204 -33.42 -24.04 -6.10
CA ILE A 204 -32.62 -25.07 -5.44
C ILE A 204 -32.67 -26.38 -6.22
N GLU A 205 -33.87 -26.80 -6.63
CA GLU A 205 -34.00 -28.03 -7.40
C GLU A 205 -33.30 -27.90 -8.75
N GLU A 206 -33.42 -26.74 -9.39
CA GLU A 206 -32.69 -26.50 -10.62
C GLU A 206 -31.19 -26.61 -10.40
N LEU A 207 -30.70 -26.12 -9.26
CA LEU A 207 -29.29 -26.25 -8.94
C LEU A 207 -28.90 -27.71 -8.77
N ARG A 208 -29.75 -28.49 -8.09
CA ARG A 208 -29.48 -29.92 -7.95
C ARG A 208 -29.44 -30.60 -9.31
N GLN A 209 -30.35 -30.23 -10.21
CA GLN A 209 -30.34 -30.79 -11.56
C GLN A 209 -29.12 -30.34 -12.34
N HIS A 210 -28.66 -29.11 -12.11
CA HIS A 210 -27.43 -28.65 -12.75
C HIS A 210 -26.23 -29.46 -12.28
N LEU A 211 -26.16 -29.73 -10.96
CA LEU A 211 -25.03 -30.48 -10.42
C LEU A 211 -25.03 -31.92 -10.91
N LEU A 212 -26.21 -32.48 -11.22
CA LEU A 212 -26.26 -33.84 -11.75
C LEU A 212 -25.53 -33.96 -13.08
N ARG A 213 -25.56 -32.90 -13.83
CA ARG A 213 -24.73 -32.92 -15.12
CA ARG A 213 -24.76 -32.88 -15.04
C ARG A 213 -23.24 -33.48 -14.95
N TRP A 214 -22.74 -33.23 -13.75
CA TRP A 214 -21.42 -33.74 -13.40
C TRP A 214 -21.51 -34.98 -12.51
N GLY A 215 -22.69 -35.57 -12.37
CA GLY A 215 -22.85 -36.75 -11.53
C GLY A 215 -22.78 -36.48 -10.05
N LEU A 216 -22.95 -35.23 -9.63
CA LEU A 216 -22.83 -34.86 -8.22
C LEU A 216 -24.21 -34.93 -7.58
N THR A 217 -24.34 -35.80 -6.57
CA THR A 217 -25.59 -35.99 -5.85
C THR A 217 -25.59 -35.15 -4.58
N THR A 218 -26.78 -34.70 -4.19
CA THR A 218 -26.97 -33.97 -2.95
C THR A 218 -28.08 -34.63 -2.14
N PRO A 219 -27.91 -34.75 -0.81
CA PRO A 219 -28.93 -35.42 -0.01
C PRO A 219 -30.32 -34.82 -0.18
N ASP A 220 -31.30 -35.71 -0.37
CA ASP A 220 -32.70 -35.27 -0.44
C ASP A 220 -33.18 -34.76 0.91
N LYS A 221 -32.94 -35.53 1.99
CA LYS A 221 -33.28 -35.08 3.33
C LYS A 221 -32.52 -33.80 3.63
N LYS A 222 -33.19 -32.66 3.56
CA LYS A 222 -32.51 -31.38 3.52
C LYS A 222 -31.70 -31.15 4.79
N HIS A 223 -30.73 -30.24 4.67
CA HIS A 223 -29.70 -30.07 5.69
C HIS A 223 -30.31 -29.77 7.06
N GLN A 224 -29.59 -30.16 8.10
CA GLN A 224 -30.01 -29.85 9.47
C GLN A 224 -29.65 -28.43 9.86
N LYS A 225 -28.60 -27.87 9.25
CA LYS A 225 -28.20 -26.51 9.57
C LYS A 225 -29.18 -25.51 8.96
N GLU A 226 -29.56 -24.53 9.77
CA GLU A 226 -30.57 -23.55 9.40
C GLU A 226 -30.26 -22.26 10.15
N PRO A 227 -30.73 -21.12 9.65
CA PRO A 227 -30.45 -19.85 10.34
C PRO A 227 -30.86 -19.93 11.80
N PRO A 228 -30.04 -19.39 12.71
CA PRO A 228 -28.77 -18.69 12.49
C PRO A 228 -27.58 -19.61 12.21
N PHE A 229 -26.65 -19.13 11.37
CA PHE A 229 -25.44 -19.88 11.06
C PHE A 229 -24.29 -19.42 11.97
N LEU A 230 -23.55 -20.39 12.49
CA LEU A 230 -22.32 -20.13 13.23
C LEU A 230 -21.17 -20.32 12.24
N TRP A 231 -20.45 -19.23 11.95
CA TRP A 231 -19.56 -19.19 10.80
C TRP A 231 -18.43 -18.21 11.07
N MET A 232 -17.19 -18.73 11.11
CA MET A 232 -16.00 -17.89 11.26
C MET A 232 -16.11 -16.94 12.44
N GLY A 233 -16.76 -17.38 13.52
CA GLY A 233 -16.88 -16.58 14.71
C GLY A 233 -18.07 -15.63 14.74
N TYR A 234 -18.93 -15.67 13.72
CA TYR A 234 -20.11 -14.82 13.67
C TYR A 234 -21.37 -15.66 13.85
N GLU A 235 -22.47 -14.97 14.16
CA GLU A 235 -23.81 -15.49 13.98
C GLU A 235 -24.44 -14.74 12.82
N LEU A 236 -24.82 -15.46 11.77
CA LEU A 236 -25.52 -14.88 10.63
C LEU A 236 -27.00 -15.19 10.75
N HIS A 237 -27.82 -14.15 10.75
CA HIS A 237 -29.27 -14.27 10.69
C HIS A 237 -29.77 -13.71 9.36
N PRO A 238 -31.02 -14.00 8.99
CA PRO A 238 -31.52 -13.52 7.70
C PRO A 238 -31.42 -12.01 7.51
N ASP A 239 -31.64 -11.23 8.57
CA ASP A 239 -31.70 -9.78 8.45
C ASP A 239 -30.77 -9.05 9.42
N LYS A 240 -29.91 -9.77 10.14
CA LYS A 240 -28.96 -9.13 11.03
C LYS A 240 -27.82 -10.11 11.28
N TRP A 241 -26.75 -9.60 11.88
CA TRP A 241 -25.58 -10.39 12.20
C TRP A 241 -24.98 -9.92 13.51
N THR A 242 -24.16 -10.77 14.12
CA THR A 242 -23.39 -10.39 15.28
C THR A 242 -22.22 -11.35 15.43
N VAL A 243 -21.40 -11.10 16.43
CA VAL A 243 -20.33 -12.02 16.80
C VAL A 243 -20.90 -13.08 17.73
N GLN A 244 -20.29 -14.26 17.72
CA GLN A 244 -20.68 -15.29 18.66
C GLN A 244 -20.40 -14.79 20.09
N PRO A 245 -21.14 -15.30 21.07
CA PRO A 245 -21.11 -14.69 22.42
C PRO A 245 -19.69 -14.44 22.93
N ILE A 246 -19.48 -13.23 23.42
CA ILE A 246 -18.20 -12.83 24.02
C ILE A 246 -18.35 -12.94 25.53
N VAL A 247 -17.56 -13.82 26.14
CA VAL A 247 -17.61 -14.06 27.58
C VAL A 247 -16.23 -13.72 28.15
N LEU A 248 -16.14 -12.60 28.86
CA LEU A 248 -14.91 -12.24 29.55
C LEU A 248 -14.86 -12.96 30.89
N PRO A 249 -13.82 -13.75 31.15
CA PRO A 249 -13.81 -14.54 32.39
C PRO A 249 -13.56 -13.69 33.62
N GLU A 250 -14.06 -14.18 34.76
CA GLU A 250 -13.67 -13.66 36.06
C GLU A 250 -12.40 -14.36 36.51
N LYS A 251 -11.48 -13.60 37.10
CA LYS A 251 -10.22 -14.19 37.54
C LYS A 251 -9.59 -13.28 38.58
N ASP A 252 -9.10 -13.88 39.67
CA ASP A 252 -8.49 -13.11 40.76
C ASP A 252 -7.08 -12.63 40.40
N SER A 253 -6.36 -13.36 39.56
CA SER A 253 -5.04 -12.95 39.11
C SER A 253 -4.88 -13.35 37.65
N TRP A 254 -4.24 -12.47 36.88
CA TRP A 254 -4.17 -12.62 35.43
C TRP A 254 -2.76 -12.98 34.98
N THR A 255 -2.69 -13.85 33.98
CA THR A 255 -1.45 -14.33 33.39
C THR A 255 -1.22 -13.63 32.05
N VAL A 256 0.04 -13.62 31.60
CA VAL A 256 0.36 -13.11 30.27
C VAL A 256 -0.61 -13.70 29.26
N ASN A 257 -0.70 -15.03 29.22
CA ASN A 257 -1.56 -15.70 28.25
C ASN A 257 -3.02 -15.28 28.41
N ASP A 258 -3.50 -15.18 29.65
CA ASP A 258 -4.88 -14.76 29.87
C ASP A 258 -5.14 -13.38 29.28
N ILE A 259 -4.19 -12.46 29.43
CA ILE A 259 -4.37 -11.11 28.89
C ILE A 259 -4.35 -11.13 27.37
N GLN A 260 -3.51 -11.99 26.78
CA GLN A 260 -3.50 -12.12 25.33
C GLN A 260 -4.83 -12.66 24.82
N LYS A 261 -5.43 -13.60 25.57
CA LYS A 261 -6.72 -14.14 25.18
C LYS A 261 -7.85 -13.15 25.44
N LEU A 262 -7.71 -12.33 26.49
CA LEU A 262 -8.71 -11.30 26.76
C LEU A 262 -8.71 -10.23 25.68
N VAL A 263 -7.53 -9.73 25.31
CA VAL A 263 -7.44 -8.70 24.29
C VAL A 263 -7.94 -9.23 22.96
N GLY A 264 -7.64 -10.49 22.65
CA GLY A 264 -8.16 -11.08 21.42
C GLY A 264 -9.68 -11.05 21.36
N LYS A 265 -10.32 -11.44 22.47
CA LYS A 265 -11.78 -11.37 22.52
C LYS A 265 -12.28 -9.94 22.39
N LEU A 266 -11.62 -9.00 23.05
CA LEU A 266 -12.03 -7.60 22.96
C LEU A 266 -11.86 -7.07 21.55
N ASN A 267 -10.75 -7.41 20.89
CA ASN A 267 -10.56 -7.02 19.49
C ASN A 267 -11.67 -7.59 18.63
N TRP A 268 -11.98 -8.88 18.79
CA TRP A 268 -13.06 -9.49 18.02
C TRP A 268 -14.38 -8.81 18.29
N ALA A 269 -14.65 -8.44 19.54
CA ALA A 269 -15.93 -7.83 19.88
C ALA A 269 -16.04 -6.41 19.35
N SER A 270 -14.90 -5.73 19.16
CA SER A 270 -14.92 -4.31 18.81
C SER A 270 -15.52 -4.06 17.43
N GLN A 271 -15.77 -5.09 16.64
CA GLN A 271 -16.32 -4.86 15.31
C GLN A 271 -17.84 -4.68 15.31
N ILE A 272 -18.50 -4.77 16.47
CA ILE A 272 -19.92 -4.43 16.52
C ILE A 272 -20.28 -3.81 17.87
N TYR A 273 -19.50 -4.10 18.91
CA TYR A 273 -19.73 -3.49 20.22
C TYR A 273 -19.03 -2.15 20.27
N PRO A 274 -19.76 -1.03 20.29
CA PRO A 274 -19.09 0.28 20.22
C PRO A 274 -18.29 0.58 21.48
N GLY A 275 -17.15 1.22 21.30
CA GLY A 275 -16.41 1.78 22.40
C GLY A 275 -15.50 0.85 23.16
N ILE A 276 -15.28 -0.38 22.66
CA ILE A 276 -14.31 -1.26 23.31
C ILE A 276 -12.95 -0.58 23.34
N LYS A 277 -12.22 -0.78 24.44
CA LYS A 277 -10.90 -0.20 24.64
C LYS A 277 -9.93 -1.26 25.13
N VAL A 278 -8.68 -1.19 24.65
CA VAL A 278 -7.69 -2.22 24.95
C VAL A 278 -6.30 -1.65 25.17
N ARG A 279 -6.14 -0.34 25.24
CA ARG A 279 -4.76 0.22 25.35
C ARG A 279 -4.16 -0.17 26.70
N GLN A 280 -4.88 0.13 27.78
CA GLN A 280 -4.27 -0.12 29.08
C GLN A 280 -4.04 -1.61 29.31
N LEU A 281 -4.87 -2.47 28.73
CA LEU A 281 -4.65 -3.91 28.86
C LEU A 281 -3.52 -4.39 27.96
N SER A 282 -3.35 -3.78 26.78
CA SER A 282 -2.24 -4.15 25.91
C SER A 282 -0.92 -3.61 26.41
N LYS A 283 -0.94 -2.51 27.18
CA LYS A 283 0.29 -2.02 27.80
C LYS A 283 0.93 -3.08 28.68
N LEU A 284 0.12 -3.92 29.31
CA LEU A 284 0.64 -4.95 30.20
C LEU A 284 1.38 -6.05 29.45
N LEU A 285 1.26 -6.11 28.13
CA LEU A 285 1.97 -7.08 27.31
C LEU A 285 3.28 -6.53 26.74
N ARG A 286 3.66 -5.31 27.10
CA ARG A 286 4.84 -4.67 26.53
C ARG A 286 6.08 -5.52 26.76
N GLY A 287 6.72 -5.95 25.68
CA GLY A 287 8.06 -6.51 25.75
C GLY A 287 8.15 -7.97 26.15
N THR A 288 7.31 -8.41 27.08
CA THR A 288 7.44 -9.73 27.68
C THR A 288 6.55 -10.74 26.97
N LYS A 289 7.04 -11.98 26.89
CA LYS A 289 6.30 -13.07 26.27
C LYS A 289 6.59 -14.37 27.01
N ALA A 290 6.53 -14.33 28.34
CA ALA A 290 6.60 -15.52 29.19
C ALA A 290 5.16 -15.88 29.55
N LEU A 291 4.58 -16.82 28.81
CA LEU A 291 3.14 -17.03 28.82
C LEU A 291 2.58 -17.36 30.19
N THR A 292 3.42 -17.76 31.16
CA THR A 292 2.95 -18.14 32.48
C THR A 292 3.16 -17.06 33.53
N GLU A 293 3.79 -15.95 33.18
CA GLU A 293 4.07 -14.90 34.16
C GLU A 293 2.79 -14.14 34.51
N VAL A 294 2.63 -13.86 35.80
CA VAL A 294 1.48 -13.09 36.30
C VAL A 294 1.85 -11.61 36.30
N ILE A 295 0.90 -10.78 35.88
CA ILE A 295 1.08 -9.33 35.84
C ILE A 295 0.02 -8.71 36.75
N PRO A 296 0.38 -7.82 37.67
CA PRO A 296 -0.64 -7.07 38.40
C PRO A 296 -1.33 -6.08 37.47
N LEU A 297 -2.66 -6.04 37.54
CA LEU A 297 -3.43 -5.09 36.75
C LEU A 297 -3.32 -3.70 37.38
N THR A 298 -2.87 -2.73 36.60
CA THR A 298 -2.91 -1.35 37.05
C THR A 298 -4.34 -0.96 37.39
N GLU A 299 -4.49 0.12 38.16
CA GLU A 299 -5.82 0.66 38.39
C GLU A 299 -6.46 1.12 37.09
N GLU A 300 -5.65 1.59 36.14
CA GLU A 300 -6.18 2.00 34.85
C GLU A 300 -6.64 0.79 34.03
N ALA A 301 -5.97 -0.35 34.18
CA ALA A 301 -6.40 -1.55 33.48
C ALA A 301 -7.67 -2.13 34.07
N GLU A 302 -7.90 -1.95 35.37
CA GLU A 302 -9.12 -2.46 36.00
C GLU A 302 -10.33 -1.65 35.60
N LEU A 303 -10.18 -0.33 35.46
CA LEU A 303 -11.27 0.50 34.98
C LEU A 303 -11.62 0.15 33.53
N GLU A 304 -10.60 0.02 32.68
CA GLU A 304 -10.84 -0.34 31.29
C GLU A 304 -11.57 -1.67 31.17
N LEU A 305 -11.17 -2.65 31.99
CA LEU A 305 -11.86 -3.94 31.98
C LEU A 305 -13.28 -3.80 32.53
N ALA A 306 -13.45 -3.01 33.59
CA ALA A 306 -14.79 -2.77 34.11
C ALA A 306 -15.69 -2.14 33.05
N GLU A 307 -15.16 -1.16 32.31
CA GLU A 307 -15.94 -0.54 31.25
C GLU A 307 -16.34 -1.56 30.18
N ASN A 308 -15.42 -2.46 29.82
CA ASN A 308 -15.69 -3.40 28.75
C ASN A 308 -16.77 -4.40 29.13
N ARG A 309 -16.71 -4.94 30.35
CA ARG A 309 -17.78 -5.81 30.83
C ARG A 309 -19.13 -5.12 30.71
N GLU A 310 -19.18 -3.82 31.03
CA GLU A 310 -20.43 -3.07 30.91
C GLU A 310 -20.90 -3.04 29.46
N ILE A 311 -19.99 -2.75 28.53
CA ILE A 311 -20.34 -2.72 27.11
C ILE A 311 -20.87 -4.08 26.66
N LEU A 312 -20.28 -5.16 27.16
CA LEU A 312 -20.61 -6.51 26.73
C LEU A 312 -21.74 -7.14 27.53
N LYS A 313 -22.50 -6.34 28.28
CA LYS A 313 -23.49 -6.93 29.17
C LYS A 313 -24.66 -7.54 28.42
N GLU A 314 -25.00 -7.02 27.24
CA GLU A 314 -26.15 -7.50 26.50
C GLU A 314 -25.84 -7.51 25.01
N PRO A 315 -26.54 -8.34 24.23
CA PRO A 315 -26.21 -8.48 22.81
C PRO A 315 -26.41 -7.19 22.02
N VAL A 316 -25.55 -7.01 21.03
CA VAL A 316 -25.68 -5.97 20.02
C VAL A 316 -25.61 -6.64 18.66
N HIS A 317 -26.36 -6.12 17.70
CA HIS A 317 -26.41 -6.68 16.35
C HIS A 317 -26.15 -5.59 15.32
N GLY A 318 -25.49 -6.00 14.23
CA GLY A 318 -25.33 -5.15 13.08
C GLY A 318 -26.35 -5.48 12.00
N VAL A 319 -26.61 -4.50 11.13
CA VAL A 319 -27.49 -4.70 10.00
C VAL A 319 -26.63 -4.97 8.76
N TYR A 320 -27.28 -5.48 7.72
CA TYR A 320 -26.59 -5.77 6.47
C TYR A 320 -26.55 -4.54 5.59
N TYR A 321 -25.80 -4.65 4.49
CA TYR A 321 -25.57 -3.53 3.59
C TYR A 321 -26.74 -3.37 2.62
N ASP A 322 -27.17 -2.12 2.44
CA ASP A 322 -28.19 -1.75 1.46
C ASP A 322 -27.53 -0.92 0.37
N PRO A 323 -27.23 -1.49 -0.80
CA PRO A 323 -26.45 -0.75 -1.80
C PRO A 323 -27.13 0.52 -2.28
N SER A 324 -28.43 0.69 -2.04
CA SER A 324 -29.15 1.85 -2.53
C SER A 324 -28.97 3.09 -1.65
N LYS A 325 -28.16 3.00 -0.59
CA LYS A 325 -28.02 4.09 0.36
C LYS A 325 -26.55 4.38 0.62
N ASP A 326 -26.28 5.63 0.99
CA ASP A 326 -24.92 6.05 1.28
C ASP A 326 -24.40 5.38 2.55
N LEU A 327 -23.09 5.25 2.63
CA LEU A 327 -22.39 4.80 3.83
C LEU A 327 -21.91 6.02 4.60
N ILE A 328 -22.14 6.02 5.92
CA ILE A 328 -21.68 7.09 6.79
C ILE A 328 -20.72 6.49 7.81
N ALA A 329 -19.61 7.18 8.06
CA ALA A 329 -18.63 6.75 9.05
C ALA A 329 -18.38 7.90 10.02
N GLU A 330 -18.57 7.61 11.30
CA GLU A 330 -18.41 8.62 12.38
C GLU A 330 -17.28 8.18 13.28
N ILE A 331 -16.41 9.10 13.67
CA ILE A 331 -15.22 8.80 14.46
C ILE A 331 -15.27 9.62 15.73
N GLN A 332 -14.76 9.04 16.82
CA GLN A 332 -14.61 9.74 18.09
C GLN A 332 -13.20 9.52 18.65
N LYS A 333 -12.67 10.54 19.32
CA LYS A 333 -11.43 10.41 20.07
C LYS A 333 -11.75 9.84 21.44
N GLN A 334 -10.99 8.81 21.84
CA GLN A 334 -11.17 8.19 23.15
C GLN A 334 -10.09 8.54 24.16
N GLY A 335 -8.93 9.02 23.70
CA GLY A 335 -7.83 9.31 24.59
C GLY A 335 -6.74 8.26 24.52
N GLN A 336 -5.52 8.67 24.90
CA GLN A 336 -4.36 7.79 24.92
C GLN A 336 -4.14 7.12 23.56
N GLY A 337 -4.36 7.88 22.50
CA GLY A 337 -4.12 7.38 21.16
C GLY A 337 -5.17 6.43 20.64
N GLN A 338 -6.31 6.30 21.33
CA GLN A 338 -7.37 5.40 20.92
C GLN A 338 -8.47 6.16 20.19
N TRP A 339 -8.95 5.57 19.10
CA TRP A 339 -10.05 6.13 18.33
C TRP A 339 -11.07 5.04 18.03
N THR A 340 -12.35 5.41 18.07
CA THR A 340 -13.44 4.50 17.79
C THR A 340 -14.31 5.09 16.68
N TYR A 341 -14.96 4.21 15.95
CA TYR A 341 -15.81 4.59 14.84
C TYR A 341 -17.03 3.69 14.61
N GLN A 342 -18.05 4.24 13.99
CA GLN A 342 -19.23 3.47 13.61
C GLN A 342 -19.52 3.74 12.15
N ILE A 343 -19.96 2.70 11.43
CA ILE A 343 -20.35 2.81 10.03
C ILE A 343 -21.82 2.43 9.93
N TYR A 344 -22.64 3.34 9.40
CA TYR A 344 -24.08 3.12 9.36
C TYR A 344 -24.63 3.74 8.08
N GLN A 345 -25.88 3.40 7.77
CA GLN A 345 -26.63 3.99 6.67
C GLN A 345 -27.87 4.71 7.14
N GLU A 346 -28.68 4.06 7.98
CA GLU A 346 -29.77 4.73 8.69
C GLU A 346 -29.33 5.05 10.11
N PRO A 347 -29.73 6.19 10.68
CA PRO A 347 -29.26 6.52 12.03
C PRO A 347 -29.60 5.42 13.03
N PHE A 348 -28.65 5.17 13.94
CA PHE A 348 -28.81 4.24 15.06
C PHE A 348 -28.82 2.78 14.65
N LYS A 349 -28.46 2.46 13.41
CA LYS A 349 -28.40 1.07 12.92
C LYS A 349 -27.03 0.85 12.30
N ASN A 350 -26.06 0.47 13.12
CA ASN A 350 -24.69 0.29 12.62
C ASN A 350 -24.59 -0.96 11.76
N LEU A 351 -23.87 -0.83 10.65
CA LEU A 351 -23.42 -2.00 9.90
C LEU A 351 -22.28 -2.70 10.62
N LYS A 352 -21.32 -1.93 11.13
CA LYS A 352 -20.23 -2.44 11.94
C LYS A 352 -19.61 -1.29 12.71
N THR A 353 -18.73 -1.63 13.64
CA THR A 353 -17.97 -0.67 14.41
C THR A 353 -16.49 -1.04 14.32
N GLY A 354 -15.64 -0.25 14.97
CA GLY A 354 -14.22 -0.56 14.99
C GLY A 354 -13.47 0.44 15.84
N LYS A 355 -12.15 0.25 15.87
CA LYS A 355 -11.26 1.12 16.62
C LYS A 355 -9.94 1.24 15.88
N TYR A 356 -9.17 2.26 16.27
CA TYR A 356 -7.84 2.51 15.71
C TYR A 356 -6.93 2.99 16.82
N ALA A 357 -5.67 2.55 16.79
CA ALA A 357 -4.69 2.88 17.81
C ALA A 357 -3.53 3.64 17.21
N ARG A 358 -3.11 4.70 17.90
CA ARG A 358 -1.90 5.44 17.59
C ARG A 358 -0.75 4.49 17.28
N MET A 359 -0.01 4.80 16.21
CA MET A 359 1.20 4.05 15.89
C MET A 359 2.31 4.41 16.87
N ARG A 360 3.17 3.43 17.16
CA ARG A 360 4.35 3.71 17.96
C ARG A 360 5.21 4.77 17.29
N GLY A 361 5.69 5.72 18.08
CA GLY A 361 6.48 6.80 17.54
C GLY A 361 6.85 7.77 18.63
N ALA A 362 7.85 8.60 18.32
CA ALA A 362 8.37 9.54 19.30
C ALA A 362 7.38 10.67 19.58
N HIS A 363 6.85 11.28 18.52
CA HIS A 363 5.97 12.43 18.66
C HIS A 363 4.80 12.29 17.71
N THR A 364 3.69 12.94 18.06
CA THR A 364 2.43 12.75 17.37
C THR A 364 1.51 13.91 17.70
N ASN A 365 0.37 13.96 17.01
CA ASN A 365 -0.70 14.87 17.39
C ASN A 365 -2.03 14.32 16.90
N ASP A 366 -3.11 14.94 17.41
CA ASP A 366 -4.45 14.41 17.17
C ASP A 366 -4.84 14.45 15.70
N VAL A 367 -4.44 15.52 14.99
CA VAL A 367 -4.84 15.67 13.59
C VAL A 367 -4.23 14.56 12.74
N LYS A 368 -2.95 14.25 12.96
CA LYS A 368 -2.32 13.15 12.23
C LYS A 368 -3.02 11.83 12.53
N GLN A 369 -3.37 11.59 13.79
CA GLN A 369 -4.03 10.35 14.15
C GLN A 369 -5.41 10.26 13.51
N LEU A 370 -6.19 11.35 13.57
CA LEU A 370 -7.49 11.37 12.90
C LEU A 370 -7.34 11.07 11.42
N THR A 371 -6.35 11.68 10.78
CA THR A 371 -6.09 11.41 9.36
C THR A 371 -5.80 9.93 9.14
N GLU A 372 -4.96 9.33 9.99
CA GLU A 372 -4.62 7.92 9.83
C GLU A 372 -5.85 7.03 10.03
N ALA A 373 -6.68 7.35 11.01
CA ALA A 373 -7.90 6.58 11.21
C ALA A 373 -8.81 6.68 9.99
N VAL A 374 -8.87 7.85 9.35
CA VAL A 374 -9.68 8.02 8.15
C VAL A 374 -9.16 7.13 7.03
N GLN A 375 -7.84 7.03 6.90
N GLN A 375 -7.84 7.06 6.88
CA GLN A 375 -7.24 6.22 5.80
CA GLN A 375 -7.23 6.22 5.80
C GLN A 375 -7.51 4.74 6.05
C GLN A 375 -7.49 4.74 6.05
N LYS A 376 -7.45 4.31 7.31
CA LYS A 376 -7.78 2.92 7.64
C LYS A 376 -9.24 2.62 7.31
N ILE A 377 -10.15 3.48 7.74
CA ILE A 377 -11.57 3.24 7.53
C ILE A 377 -11.89 3.26 6.04
N THR A 378 -11.26 4.17 5.30
CA THR A 378 -11.46 4.22 3.85
C THR A 378 -11.08 2.89 3.22
N THR A 379 -9.89 2.38 3.54
CA THR A 379 -9.42 1.15 2.94
C THR A 379 -10.31 -0.04 3.33
N GLU A 380 -10.62 -0.16 4.63
CA GLU A 380 -11.54 -1.21 5.06
C GLU A 380 -12.88 -1.10 4.32
N SER A 381 -13.33 0.13 4.05
CA SER A 381 -14.63 0.31 3.41
C SER A 381 -14.58 -0.10 1.94
N ILE A 382 -13.48 0.18 1.25
CA ILE A 382 -13.34 -0.29 -0.12
C ILE A 382 -13.42 -1.82 -0.15
N VAL A 383 -12.74 -2.48 0.79
CA VAL A 383 -12.76 -3.93 0.86
C VAL A 383 -14.18 -4.45 1.00
N ILE A 384 -14.94 -3.89 1.94
CA ILE A 384 -16.22 -4.49 2.30
C ILE A 384 -17.33 -4.05 1.37
N TRP A 385 -17.36 -2.76 1.00
CA TRP A 385 -18.47 -2.21 0.24
C TRP A 385 -18.07 -1.63 -1.10
N GLY A 386 -16.78 -1.56 -1.42
CA GLY A 386 -16.36 -1.05 -2.71
C GLY A 386 -16.55 0.44 -2.89
N LYS A 387 -16.67 1.20 -1.80
CA LYS A 387 -16.82 2.64 -1.90
C LYS A 387 -16.41 3.29 -0.59
N THR A 388 -16.09 4.57 -0.67
CA THR A 388 -15.70 5.37 0.48
C THR A 388 -16.93 5.90 1.20
N PRO A 389 -17.02 5.76 2.52
CA PRO A 389 -18.14 6.38 3.24
C PRO A 389 -17.92 7.88 3.39
N LYS A 390 -19.03 8.59 3.57
CA LYS A 390 -18.97 9.99 3.96
C LYS A 390 -18.67 10.07 5.45
N PHE A 391 -17.73 10.92 5.83
CA PHE A 391 -17.18 10.93 7.17
C PHE A 391 -17.83 12.02 8.01
N LYS A 392 -18.06 11.71 9.28
CA LYS A 392 -18.49 12.67 10.30
C LYS A 392 -17.37 12.73 11.32
N LEU A 393 -16.70 13.88 11.40
CA LEU A 393 -15.45 13.98 12.15
C LEU A 393 -15.53 15.06 13.22
N PRO A 394 -14.92 14.83 14.39
CA PRO A 394 -14.94 15.83 15.47
C PRO A 394 -13.84 16.86 15.33
N ILE A 395 -13.84 17.56 14.19
CA ILE A 395 -12.83 18.58 13.90
C ILE A 395 -13.50 19.65 13.04
N GLN A 396 -13.32 20.90 13.42
CA GLN A 396 -13.91 22.04 12.72
C GLN A 396 -13.32 22.27 11.30
N LYS A 397 -14.18 22.59 10.35
CA LYS A 397 -13.72 22.78 8.97
C LYS A 397 -12.57 23.78 8.90
N GLU A 398 -12.65 24.85 9.70
CA GLU A 398 -11.59 25.86 9.69
C GLU A 398 -10.30 25.31 10.27
N THR A 399 -10.40 24.43 11.28
CA THR A 399 -9.20 23.79 11.82
C THR A 399 -8.50 22.96 10.76
N TRP A 400 -9.26 22.13 10.04
CA TRP A 400 -8.66 21.29 9.01
C TRP A 400 -7.96 22.12 7.95
N GLU A 401 -8.61 23.19 7.48
CA GLU A 401 -8.01 23.97 6.40
C GLU A 401 -6.72 24.64 6.88
N THR A 402 -6.72 25.19 8.08
CA THR A 402 -5.47 25.74 8.63
C THR A 402 -4.39 24.66 8.65
N TRP A 403 -4.75 23.44 9.04
CA TRP A 403 -3.76 22.37 9.16
C TRP A 403 -3.15 22.02 7.81
N TRP A 404 -3.98 21.60 6.86
CA TRP A 404 -3.41 21.02 5.64
C TRP A 404 -2.80 22.06 4.72
N THR A 405 -3.22 23.33 4.81
CA THR A 405 -2.58 24.36 3.99
C THR A 405 -1.17 24.68 4.49
N GLU A 406 -0.91 24.53 5.79
CA GLU A 406 0.38 24.89 6.38
C GLU A 406 1.27 23.71 6.67
N TYR A 407 0.75 22.48 6.65
CA TYR A 407 1.55 21.31 6.97
C TYR A 407 2.54 21.03 5.84
N TRP A 408 3.76 20.65 6.20
CA TRP A 408 4.82 20.48 5.21
C TRP A 408 4.56 19.29 4.30
N GLN A 409 3.78 18.30 4.73
CA GLN A 409 3.44 17.16 3.90
C GLN A 409 2.15 17.41 3.14
N ALA A 410 2.01 16.71 2.01
CA ALA A 410 0.71 16.60 1.36
C ALA A 410 -0.18 15.70 2.20
N THR A 411 -1.43 16.11 2.39
CA THR A 411 -2.38 15.32 3.16
C THR A 411 -3.78 15.59 2.63
N TRP A 412 -4.67 14.63 2.84
CA TRP A 412 -6.00 14.68 2.24
C TRP A 412 -6.95 13.80 3.05
N ILE A 413 -8.19 14.26 3.16
CA ILE A 413 -9.26 13.51 3.79
C ILE A 413 -10.46 13.60 2.87
N PRO A 414 -11.12 12.48 2.53
CA PRO A 414 -12.25 12.56 1.58
C PRO A 414 -13.45 13.28 2.17
N GLU A 415 -14.51 13.43 1.37
CA GLU A 415 -15.69 14.19 1.76
C GLU A 415 -16.10 13.90 3.19
N TRP A 416 -16.27 14.97 3.97
CA TRP A 416 -16.54 14.83 5.40
C TRP A 416 -17.27 16.07 5.90
N GLU A 417 -17.89 15.93 7.06
CA GLU A 417 -18.61 17.02 7.70
C GLU A 417 -18.33 17.03 9.19
N PHE A 418 -18.35 18.23 9.77
CA PHE A 418 -18.06 18.40 11.20
C PHE A 418 -19.23 17.89 12.03
N VAL A 419 -18.92 17.08 13.05
CA VAL A 419 -19.89 16.63 14.03
C VAL A 419 -19.43 17.16 15.39
N ASN A 420 -20.30 17.92 16.05
CA ASN A 420 -19.94 18.67 17.25
C ASN A 420 -20.22 17.84 18.49
N THR A 421 -19.37 16.83 18.71
CA THR A 421 -19.47 15.95 19.87
C THR A 421 -18.09 15.89 20.54
N PRO A 422 -17.92 16.50 21.71
CA PRO A 422 -16.58 16.54 22.33
C PRO A 422 -16.06 15.15 22.62
N PRO A 423 -14.73 15.00 22.78
CA PRO A 423 -13.74 16.07 22.66
C PRO A 423 -13.37 16.37 21.22
N LEU A 424 -13.26 17.65 20.87
CA LEU A 424 -12.95 18.04 19.51
C LEU A 424 -11.44 18.04 19.27
N VAL A 425 -11.06 17.68 18.05
CA VAL A 425 -9.67 17.79 17.63
C VAL A 425 -9.40 19.24 17.24
N LYS A 426 -8.32 19.81 17.77
CA LYS A 426 -7.99 21.19 17.50
C LYS A 426 -6.48 21.35 17.38
N LEU A 427 -6.07 22.52 16.93
CA LEU A 427 -4.65 22.89 16.91
C LEU A 427 -4.32 23.64 18.19
N TRP A 428 -3.35 23.12 18.94
CA TRP A 428 -3.01 23.69 20.24
C TRP A 428 -2.04 24.85 20.15
N TYR A 429 -1.20 24.90 19.11
CA TYR A 429 -0.36 26.06 18.86
C TYR A 429 -0.10 26.16 17.36
N GLN A 430 0.37 27.33 16.95
CA GLN A 430 0.66 27.62 15.55
C GLN A 430 1.79 28.64 15.51
N LEU A 431 2.89 28.29 14.86
CA LEU A 431 4.05 29.18 14.83
C LEU A 431 3.88 30.26 13.79
N GLU A 432 4.50 31.41 14.05
CA GLU A 432 4.43 32.53 13.13
C GLU A 432 5.24 32.24 11.88
N LYS A 433 4.84 32.88 10.78
CA LYS A 433 5.57 32.81 9.52
C LYS A 433 6.60 33.93 9.38
N GLU A 434 6.48 34.99 10.17
CA GLU A 434 7.38 36.12 10.11
C GLU A 434 7.81 36.54 11.51
N PRO A 435 8.97 37.16 11.64
CA PRO A 435 9.39 37.65 12.97
C PRO A 435 8.41 38.67 13.52
N ILE A 436 8.33 38.73 14.84
CA ILE A 436 7.33 39.53 15.53
C ILE A 436 7.97 40.86 15.93
N VAL A 437 7.39 41.96 15.46
CA VAL A 437 7.86 43.28 15.85
C VAL A 437 7.48 43.53 17.30
N GLY A 438 8.43 44.04 18.09
CA GLY A 438 8.20 44.37 19.47
C GLY A 438 8.42 43.26 20.46
N ALA A 439 8.58 42.02 20.00
CA ALA A 439 8.80 40.89 20.88
C ALA A 439 10.30 40.64 21.08
N GLU A 440 10.66 40.37 22.33
CA GLU A 440 12.05 40.10 22.67
C GLU A 440 12.58 38.91 21.87
N THR A 441 13.83 39.02 21.41
CA THR A 441 14.47 37.98 20.63
C THR A 441 15.41 37.18 21.53
N PHE A 442 15.14 35.88 21.66
CA PHE A 442 15.96 34.98 22.46
C PHE A 442 16.86 34.16 21.54
N TYR A 443 18.18 34.27 21.74
CA TYR A 443 19.15 33.41 21.08
C TYR A 443 19.53 32.27 22.04
N VAL A 444 19.18 31.05 21.67
CA VAL A 444 19.33 29.90 22.56
C VAL A 444 20.43 28.99 22.05
N ASP A 445 21.02 28.24 22.97
CA ASP A 445 21.95 27.19 22.60
C ASP A 445 22.21 26.30 23.81
N GLY A 446 22.66 25.08 23.53
CA GLY A 446 23.06 24.16 24.57
C GLY A 446 24.19 23.29 24.06
N ALA A 447 24.90 22.66 25.00
CA ALA A 447 26.00 21.78 24.66
C ALA A 447 26.25 20.85 25.84
N ALA A 448 26.82 19.69 25.54
CA ALA A 448 27.13 18.69 26.55
C ALA A 448 28.43 17.99 26.19
N ASN A 449 29.14 17.54 27.23
CA ASN A 449 30.37 16.80 27.05
C ASN A 449 30.04 15.31 26.92
N ARG A 450 30.51 14.69 25.84
CA ARG A 450 30.03 13.35 25.50
C ARG A 450 30.42 12.31 26.53
N GLU A 451 31.55 12.50 27.22
CA GLU A 451 32.01 11.50 28.18
C GLU A 451 31.33 11.68 29.53
N THR A 452 31.49 12.85 30.13
CA THR A 452 30.97 13.12 31.47
C THR A 452 29.49 13.48 31.48
N LYS A 453 28.85 13.53 30.34
CA LYS A 453 27.41 13.81 30.31
C LYS A 453 26.97 15.12 30.97
N LEU A 454 27.91 15.99 31.19
CA LEU A 454 27.58 17.30 31.76
C LEU A 454 27.39 18.29 30.62
N GLY A 455 26.44 19.21 30.78
CA GLY A 455 26.16 20.19 29.75
C GLY A 455 25.63 21.49 30.32
N LYS A 456 25.28 22.39 29.40
CA LYS A 456 24.71 23.68 29.75
C LYS A 456 23.65 24.05 28.71
N ALA A 457 22.63 24.77 29.16
CA ALA A 457 21.59 25.32 28.31
C ALA A 457 21.33 26.75 28.73
N GLY A 458 20.99 27.60 27.76
CA GLY A 458 20.74 28.99 28.10
C GLY A 458 20.37 29.82 26.90
N TYR A 459 20.29 31.13 27.14
CA TYR A 459 19.90 32.08 26.12
C TYR A 459 20.51 33.44 26.41
N VAL A 460 20.52 34.29 25.40
CA VAL A 460 20.79 35.71 25.54
C VAL A 460 19.79 36.44 24.65
N THR A 461 19.34 37.62 25.10
CA THR A 461 18.32 38.36 24.37
C THR A 461 18.82 39.76 24.02
N ASN A 462 18.08 40.41 23.11
CA ASN A 462 18.41 41.76 22.70
C ASN A 462 18.22 42.77 23.84
N LYS A 463 17.48 42.43 24.86
CA LYS A 463 17.30 43.29 26.00
C LYS A 463 18.35 43.08 27.07
N GLY A 464 19.24 42.20 26.84
CA GLY A 464 20.26 41.88 27.82
C GLY A 464 19.88 40.82 28.82
N ARG A 465 18.67 40.26 28.74
CA ARG A 465 18.31 39.13 29.58
C ARG A 465 19.17 37.93 29.21
N GLN A 466 19.66 37.23 30.22
CA GLN A 466 20.53 36.08 30.01
C GLN A 466 20.25 35.01 31.05
N LYS A 467 20.51 33.76 30.67
CA LYS A 467 20.47 32.66 31.62
C LYS A 467 21.31 31.52 31.07
N VAL A 468 22.08 30.89 31.96
CA VAL A 468 22.78 29.65 31.68
C VAL A 468 22.55 28.71 32.85
N VAL A 469 22.10 27.49 32.56
CA VAL A 469 21.79 26.50 33.58
C VAL A 469 22.73 25.32 33.40
N PRO A 470 23.42 24.87 34.46
CA PRO A 470 24.23 23.65 34.34
C PRO A 470 23.37 22.40 34.48
N LEU A 471 23.72 21.38 33.70
CA LEU A 471 22.92 20.17 33.59
C LEU A 471 23.81 18.94 33.72
N THR A 472 23.25 17.88 34.28
CA THR A 472 23.93 16.60 34.42
C THR A 472 23.13 15.52 33.70
N ASN A 473 23.84 14.46 33.30
CA ASN A 473 23.22 13.30 32.65
C ASN A 473 22.39 13.74 31.45
N THR A 474 23.06 14.44 30.52
CA THR A 474 22.38 15.06 29.39
C THR A 474 23.21 14.83 28.14
N THR A 475 22.64 15.28 27.01
CA THR A 475 23.25 15.10 25.70
C THR A 475 23.11 16.40 24.92
N ASN A 476 23.90 16.53 23.84
CA ASN A 476 23.77 17.69 22.97
C ASN A 476 22.32 17.94 22.59
N GLN A 477 21.59 16.87 22.25
CA GLN A 477 20.22 17.03 21.78
C GLN A 477 19.29 17.43 22.91
N LYS A 478 19.50 16.89 24.12
CA LYS A 478 18.68 17.28 25.25
C LYS A 478 18.91 18.74 25.64
N THR A 479 20.17 19.19 25.62
CA THR A 479 20.47 20.56 26.02
C THR A 479 19.93 21.56 25.01
N GLU A 480 19.89 21.19 23.71
CA GLU A 480 19.32 22.07 22.71
C GLU A 480 17.83 22.27 22.92
N LEU A 481 17.13 21.21 23.34
CA LEU A 481 15.72 21.35 23.67
C LEU A 481 15.52 22.13 24.97
N GLN A 482 16.37 21.88 25.93
CA GLN A 482 16.30 22.56 27.19
C GLN A 482 16.48 24.05 27.03
N ALA A 483 17.33 24.47 26.13
CA ALA A 483 17.56 25.88 25.88
C ALA A 483 16.29 26.55 25.38
N ILE A 484 15.59 25.90 24.45
CA ILE A 484 14.33 26.45 23.93
C ILE A 484 13.30 26.51 25.03
N TYR A 485 13.27 25.51 25.91
CA TYR A 485 12.32 25.51 27.02
C TYR A 485 12.54 26.70 27.93
N LEU A 486 13.81 26.99 28.26
CA LEU A 486 14.13 28.12 29.12
C LEU A 486 13.67 29.44 28.50
N ALA A 487 13.93 29.62 27.20
CA ALA A 487 13.50 30.84 26.53
C ALA A 487 11.98 31.00 26.58
N LEU A 488 11.25 29.90 26.44
CA LEU A 488 9.80 29.97 26.55
C LEU A 488 9.36 30.29 27.97
N GLN A 489 10.00 29.67 28.97
CA GLN A 489 9.65 29.94 30.36
C GLN A 489 9.82 31.41 30.72
N ASP A 490 10.87 32.05 30.22
CA ASP A 490 11.29 33.35 30.71
C ASP A 490 10.86 34.51 29.82
N SER A 491 10.04 34.26 28.80
CA SER A 491 9.60 35.29 27.88
C SER A 491 8.13 35.63 28.12
N GLY A 492 7.73 36.78 27.58
CA GLY A 492 6.34 37.18 27.63
C GLY A 492 5.49 36.39 26.67
N LEU A 493 4.30 36.90 26.34
CA LEU A 493 3.35 36.15 25.53
C LEU A 493 3.75 36.10 24.06
N GLU A 494 4.62 37.00 23.61
CA GLU A 494 5.12 37.01 22.23
C GLU A 494 6.63 36.95 22.29
N VAL A 495 7.24 36.09 21.47
CA VAL A 495 8.67 35.85 21.59
C VAL A 495 9.21 35.37 20.25
N ASN A 496 10.38 35.89 19.89
CA ASN A 496 11.19 35.36 18.80
C ASN A 496 12.30 34.51 19.39
N ILE A 497 12.50 33.32 18.82
CA ILE A 497 13.51 32.39 19.31
C ILE A 497 14.41 31.98 18.15
N VAL A 498 15.72 32.09 18.36
CA VAL A 498 16.71 31.77 17.33
C VAL A 498 17.54 30.60 17.83
N THR A 499 17.52 29.50 17.09
CA THR A 499 18.26 28.30 17.43
C THR A 499 19.12 27.88 16.24
N ASP A 500 20.17 27.12 16.54
CA ASP A 500 20.97 26.46 15.51
C ASP A 500 20.76 24.95 15.51
N SER A 501 19.78 24.47 16.26
CA SER A 501 19.55 23.03 16.42
C SER A 501 18.65 22.55 15.30
N GLN A 502 19.23 21.85 14.32
CA GLN A 502 18.42 21.19 13.31
C GLN A 502 17.54 20.10 13.93
N TYR A 503 18.04 19.44 14.97
CA TYR A 503 17.26 18.42 15.66
C TYR A 503 16.00 19.03 16.26
N ALA A 504 16.13 20.14 16.99
CA ALA A 504 14.97 20.77 17.61
C ALA A 504 13.97 21.23 16.57
N LEU A 505 14.42 21.68 15.40
CA LEU A 505 13.48 22.15 14.40
C LEU A 505 12.77 21.02 13.67
N GLY A 506 13.45 19.89 13.45
CA GLY A 506 12.77 18.72 12.92
C GLY A 506 11.59 18.31 13.77
N ILE A 507 11.76 18.39 15.09
CA ILE A 507 10.69 18.01 16.02
C ILE A 507 9.55 19.03 15.95
N ILE A 508 9.87 20.31 16.15
CA ILE A 508 8.82 21.32 16.27
C ILE A 508 8.12 21.56 14.93
N GLN A 509 8.85 21.46 13.82
CA GLN A 509 8.22 21.62 12.51
C GLN A 509 7.27 20.47 12.20
N ALA A 510 7.39 19.34 12.89
CA ALA A 510 6.41 18.27 12.79
C ALA A 510 5.16 18.54 13.63
N GLN A 511 5.14 19.63 14.34
CA GLN A 511 4.03 20.06 15.14
C GLN A 511 3.39 19.04 16.09
N PRO A 512 4.14 18.47 16.99
CA PRO A 512 3.56 17.52 17.93
C PRO A 512 2.75 18.24 19.01
N ASP A 513 1.76 17.52 19.55
CA ASP A 513 1.05 17.96 20.73
C ASP A 513 1.19 16.97 21.89
N LYS A 514 1.90 15.87 21.69
CA LYS A 514 2.20 14.90 22.73
C LYS A 514 3.44 14.14 22.30
N SER A 515 4.26 13.78 23.28
CA SER A 515 5.56 13.18 22.98
C SER A 515 5.90 12.13 24.03
N GLU A 516 6.78 11.21 23.65
CA GLU A 516 7.39 10.28 24.58
C GLU A 516 8.51 10.91 25.38
N SER A 517 8.97 12.10 24.99
CA SER A 517 9.98 12.86 25.73
C SER A 517 9.26 13.90 26.58
N GLU A 518 9.48 13.84 27.90
CA GLU A 518 8.84 14.80 28.78
C GLU A 518 9.36 16.22 28.52
N LEU A 519 10.57 16.35 28.00
CA LEU A 519 11.12 17.66 27.68
C LEU A 519 10.35 18.30 26.53
N VAL A 520 10.10 17.53 25.46
CA VAL A 520 9.28 18.04 24.37
C VAL A 520 7.88 18.38 24.88
N ASN A 521 7.35 17.57 25.78
CA ASN A 521 6.02 17.84 26.32
C ASN A 521 6.00 19.14 27.11
N GLN A 522 7.07 19.43 27.85
CA GLN A 522 7.15 20.70 28.54
C GLN A 522 7.20 21.86 27.55
N ILE A 523 7.97 21.71 26.47
CA ILE A 523 7.99 22.73 25.42
C ILE A 523 6.61 22.93 24.84
N ILE A 524 5.89 21.83 24.59
CA ILE A 524 4.54 21.94 24.02
C ILE A 524 3.63 22.71 24.97
N GLU A 525 3.71 22.42 26.27
CA GLU A 525 2.85 23.12 27.22
C GLU A 525 3.17 24.61 27.29
N GLN A 526 4.43 24.99 27.09
CA GLN A 526 4.78 26.41 27.06
C GLN A 526 4.25 27.07 25.80
N LEU A 527 4.40 26.41 24.65
CA LEU A 527 3.90 26.96 23.40
C LEU A 527 2.40 27.24 23.48
N ILE A 528 1.63 26.34 24.08
CA ILE A 528 0.19 26.52 24.16
C ILE A 528 -0.16 27.78 24.93
N LYS A 529 0.70 28.19 25.87
CA LYS A 529 0.43 29.37 26.68
C LYS A 529 0.78 30.67 25.98
N LYS A 530 1.53 30.62 24.88
CA LYS A 530 1.96 31.84 24.21
C LYS A 530 0.87 32.36 23.28
N GLU A 531 0.97 33.66 22.96
CA GLU A 531 0.15 34.27 21.91
C GLU A 531 0.82 34.13 20.55
N LYS A 532 2.08 34.54 20.46
CA LYS A 532 2.85 34.50 19.21
C LYS A 532 4.23 33.91 19.49
N VAL A 533 4.67 33.00 18.61
CA VAL A 533 6.00 32.42 18.70
C VAL A 533 6.56 32.32 17.29
N TYR A 534 7.71 32.94 17.05
CA TYR A 534 8.44 32.78 15.80
C TYR A 534 9.73 32.04 16.12
N LEU A 535 9.96 30.93 15.44
CA LEU A 535 11.14 30.10 15.64
C LEU A 535 12.01 30.21 14.39
N ALA A 536 13.24 30.70 14.58
CA ALA A 536 14.17 30.94 13.48
C ALA A 536 15.39 30.04 13.64
N TRP A 537 15.91 29.57 12.51
CA TRP A 537 17.08 28.69 12.50
C TRP A 537 18.25 29.41 11.86
N VAL A 538 19.44 29.18 12.41
CA VAL A 538 20.69 29.65 11.81
C VAL A 538 21.72 28.55 11.90
N PRO A 539 22.70 28.55 11.00
CA PRO A 539 23.76 27.55 11.08
C PRO A 539 24.76 27.88 12.18
N ALA A 540 25.24 26.83 12.83
CA ALA A 540 26.14 26.99 13.97
C ALA A 540 27.54 27.38 13.50
N HIS A 541 28.28 28.01 14.42
CA HIS A 541 29.72 28.24 14.26
C HIS A 541 30.03 29.06 13.01
N LYS A 542 29.21 30.07 12.73
CA LYS A 542 29.42 30.94 11.57
C LYS A 542 29.49 32.41 11.97
N GLY A 543 29.79 32.71 13.23
CA GLY A 543 29.96 34.09 13.65
C GLY A 543 28.69 34.91 13.65
N ILE A 544 27.53 34.26 13.73
CA ILE A 544 26.26 34.97 13.79
C ILE A 544 26.09 35.54 15.20
N GLY A 545 25.93 36.86 15.24
CA GLY A 545 25.80 37.51 16.53
C GLY A 545 24.64 36.95 17.33
N GLY A 546 24.79 36.94 18.64
CA GLY A 546 23.75 36.33 19.46
C GLY A 546 23.98 34.85 19.61
N ASN A 547 23.80 34.10 18.51
CA ASN A 547 24.10 32.67 18.55
C ASN A 547 25.54 32.42 18.97
N GLU A 548 26.47 33.20 18.44
CA GLU A 548 27.88 33.02 18.79
C GLU A 548 28.13 33.25 20.27
N GLN A 549 27.50 34.28 20.84
CA GLN A 549 27.72 34.59 22.26
C GLN A 549 27.26 33.43 23.15
N VAL A 550 26.03 32.96 22.96
CA VAL A 550 25.48 31.96 23.87
C VAL A 550 26.12 30.59 23.64
N ASP A 551 26.49 30.28 22.40
CA ASP A 551 27.24 29.05 22.16
C ASP A 551 28.50 29.00 23.01
N LYS A 552 29.18 30.14 23.15
CA LYS A 552 30.37 30.19 23.98
C LYS A 552 30.03 30.02 25.46
N LEU A 553 28.91 30.58 25.91
CA LEU A 553 28.54 30.46 27.31
C LEU A 553 28.22 29.02 27.69
N VAL A 554 27.58 28.28 26.78
CA VAL A 554 27.07 26.95 27.13
C VAL A 554 28.06 25.83 26.86
N SER A 555 29.00 26.02 25.95
CA SER A 555 30.02 25.01 25.68
C SER A 555 31.23 25.14 26.61
N ALA A 556 31.24 26.14 27.50
CA ALA A 556 32.32 26.31 28.44
C ALA A 556 32.33 25.17 29.47
N ILE B 5 4.68 -13.59 -34.72
CA ILE B 5 3.78 -14.72 -34.87
C ILE B 5 4.41 -15.95 -34.22
N GLU B 6 5.74 -16.01 -34.25
CA GLU B 6 6.49 -16.99 -33.45
C GLU B 6 7.01 -16.28 -32.21
N THR B 7 7.00 -17.00 -31.09
CA THR B 7 7.29 -16.38 -29.79
C THR B 7 8.79 -16.31 -29.53
N VAL B 8 9.21 -15.20 -28.94
CA VAL B 8 10.60 -15.05 -28.50
C VAL B 8 10.75 -15.73 -27.13
N PRO B 9 11.75 -16.60 -26.94
CA PRO B 9 11.95 -17.20 -25.61
C PRO B 9 12.23 -16.14 -24.57
N VAL B 10 11.55 -16.25 -23.42
CA VAL B 10 11.73 -15.32 -22.31
C VAL B 10 11.92 -16.11 -21.03
N LYS B 11 12.80 -15.63 -20.17
CA LYS B 11 13.04 -16.25 -18.88
C LYS B 11 13.11 -15.16 -17.81
N LEU B 12 12.99 -15.58 -16.56
CA LEU B 12 13.28 -14.69 -15.45
C LEU B 12 14.78 -14.67 -15.19
N LYS B 13 15.20 -13.79 -14.29
CA LYS B 13 16.59 -13.75 -13.89
C LYS B 13 16.95 -15.00 -13.08
N PRO B 14 18.21 -15.43 -13.12
CA PRO B 14 18.59 -16.66 -12.41
C PRO B 14 18.18 -16.64 -10.94
N GLY B 15 17.76 -17.79 -10.45
CA GLY B 15 17.42 -17.96 -9.04
C GLY B 15 16.40 -16.95 -8.57
N MET B 16 15.23 -16.93 -9.22
CA MET B 16 14.26 -15.86 -9.03
C MET B 16 12.90 -16.36 -9.47
N ASP B 17 11.94 -16.39 -8.55
CA ASP B 17 10.62 -16.90 -8.85
C ASP B 17 9.71 -15.76 -9.31
N GLY B 18 8.51 -16.14 -9.78
CA GLY B 18 7.56 -15.18 -10.31
C GLY B 18 6.97 -14.28 -9.24
N PRO B 19 6.29 -13.21 -9.69
CA PRO B 19 5.71 -12.27 -8.72
C PRO B 19 4.52 -12.87 -7.98
N LYS B 20 4.47 -12.61 -6.68
CA LYS B 20 3.35 -13.01 -5.82
C LYS B 20 2.92 -11.78 -5.03
N VAL B 21 2.36 -10.81 -5.74
CA VAL B 21 2.02 -9.50 -5.18
C VAL B 21 0.53 -9.45 -4.90
N LYS B 22 0.17 -8.94 -3.73
CA LYS B 22 -1.23 -8.86 -3.34
C LYS B 22 -1.99 -7.87 -4.20
N GLN B 23 -3.23 -8.21 -4.54
CA GLN B 23 -4.13 -7.28 -5.18
C GLN B 23 -4.70 -6.33 -4.13
N TRP B 24 -4.61 -5.04 -4.37
CA TRP B 24 -5.09 -4.08 -3.40
C TRP B 24 -6.56 -3.77 -3.63
N PRO B 25 -7.24 -3.20 -2.64
CA PRO B 25 -8.69 -2.98 -2.76
C PRO B 25 -9.05 -2.11 -3.96
N LEU B 26 -10.15 -2.47 -4.62
CA LEU B 26 -10.66 -1.76 -5.78
C LEU B 26 -12.10 -1.34 -5.55
N THR B 27 -12.45 -0.15 -6.01
CA THR B 27 -13.81 0.35 -5.90
C THR B 27 -14.73 -0.43 -6.85
N GLU B 28 -16.02 -0.37 -6.53
CA GLU B 28 -17.02 -1.06 -7.35
C GLU B 28 -16.94 -0.63 -8.81
N GLU B 29 -16.77 0.66 -9.07
CA GLU B 29 -16.76 1.15 -10.44
C GLU B 29 -15.57 0.58 -11.22
N LYS B 30 -14.45 0.42 -10.55
CA LYS B 30 -13.27 -0.09 -11.18
C LYS B 30 -13.39 -1.59 -11.42
N ILE B 31 -14.01 -2.32 -10.54
CA ILE B 31 -14.22 -3.76 -10.73
C ILE B 31 -15.13 -4.00 -11.93
N LYS B 32 -16.27 -3.29 -11.96
CA LYS B 32 -17.23 -3.42 -13.09
C LYS B 32 -16.47 -3.17 -14.40
N ALA B 33 -15.72 -2.07 -14.45
CA ALA B 33 -15.01 -1.72 -15.68
C ALA B 33 -14.04 -2.83 -16.08
N LEU B 34 -13.31 -3.39 -15.11
CA LEU B 34 -12.32 -4.41 -15.44
C LEU B 34 -12.99 -5.71 -15.89
N VAL B 35 -14.15 -6.05 -15.30
CA VAL B 35 -14.88 -7.25 -15.71
C VAL B 35 -15.29 -7.13 -17.17
N GLU B 36 -15.77 -5.95 -17.57
CA GLU B 36 -16.17 -5.73 -18.95
C GLU B 36 -14.97 -5.76 -19.89
N ILE B 37 -13.87 -5.13 -19.50
CA ILE B 37 -12.67 -5.12 -20.35
C ILE B 37 -12.12 -6.52 -20.52
N CYS B 38 -12.04 -7.28 -19.43
CA CYS B 38 -11.41 -8.60 -19.49
C CYS B 38 -12.29 -9.63 -20.18
N THR B 39 -13.60 -9.49 -20.09
CA THR B 39 -14.54 -10.38 -20.82
C THR B 39 -14.26 -10.25 -22.32
N GLU B 40 -14.15 -9.02 -22.80
CA GLU B 40 -13.83 -8.76 -24.22
C GLU B 40 -12.42 -9.25 -24.56
N MET B 41 -11.43 -8.90 -23.75
CA MET B 41 -10.09 -9.38 -24.04
C MET B 41 -10.05 -10.90 -24.11
N GLU B 42 -10.86 -11.59 -23.29
CA GLU B 42 -10.89 -13.04 -23.31
C GLU B 42 -11.47 -13.56 -24.63
N LYS B 43 -12.56 -12.94 -25.10
CA LYS B 43 -13.12 -13.33 -26.40
C LYS B 43 -12.11 -13.14 -27.52
N GLU B 44 -11.36 -12.03 -27.48
CA GLU B 44 -10.36 -11.74 -28.50
C GLU B 44 -9.10 -12.60 -28.37
N GLY B 45 -9.03 -13.48 -27.37
CA GLY B 45 -7.89 -14.35 -27.19
C GLY B 45 -6.68 -13.72 -26.54
N LYS B 46 -6.77 -12.46 -26.09
CA LYS B 46 -5.62 -11.79 -25.49
C LYS B 46 -5.27 -12.38 -24.14
N ILE B 47 -6.27 -12.80 -23.36
CA ILE B 47 -6.08 -13.40 -22.05
C ILE B 47 -6.89 -14.68 -21.98
N SER B 48 -6.56 -15.51 -20.99
CA SER B 48 -7.27 -16.76 -20.75
C SER B 48 -7.38 -17.02 -19.25
N LYS B 49 -8.48 -17.63 -18.85
CA LYS B 49 -8.65 -18.04 -17.46
C LYS B 49 -7.59 -19.06 -17.07
N ILE B 50 -7.23 -19.06 -15.79
CA ILE B 50 -6.19 -19.94 -15.27
C ILE B 50 -6.73 -20.69 -14.07
N GLY B 51 -6.03 -21.77 -13.71
CA GLY B 51 -6.43 -22.60 -12.60
C GLY B 51 -5.63 -22.32 -11.34
N PRO B 52 -5.91 -23.08 -10.28
CA PRO B 52 -5.21 -22.84 -9.01
C PRO B 52 -3.78 -23.31 -8.98
N GLU B 53 -3.32 -24.04 -10.00
CA GLU B 53 -1.90 -24.44 -10.04
C GLU B 53 -0.99 -23.26 -10.37
N ASN B 54 -1.55 -22.08 -10.64
CA ASN B 54 -0.76 -20.88 -10.87
C ASN B 54 -0.82 -20.03 -9.62
N PRO B 55 0.25 -19.91 -8.84
CA PRO B 55 0.19 -19.13 -7.60
C PRO B 55 0.66 -17.69 -7.72
N TYR B 56 1.00 -17.24 -8.93
CA TYR B 56 1.57 -15.92 -9.13
C TYR B 56 0.47 -14.88 -9.24
N ASN B 57 0.86 -13.62 -9.01
CA ASN B 57 -0.12 -12.55 -9.12
C ASN B 57 0.58 -11.21 -9.24
N THR B 58 -0.05 -10.32 -9.99
CA THR B 58 0.36 -8.94 -10.21
C THR B 58 -0.86 -8.05 -10.03
N PRO B 59 -0.75 -6.94 -9.32
CA PRO B 59 -1.94 -6.11 -9.11
C PRO B 59 -2.42 -5.49 -10.41
N VAL B 60 -3.74 -5.27 -10.47
CA VAL B 60 -4.37 -4.61 -11.61
C VAL B 60 -5.33 -3.56 -11.05
N PHE B 61 -5.47 -2.47 -11.80
CA PHE B 61 -6.54 -1.51 -11.54
C PHE B 61 -6.87 -0.83 -12.86
N ALA B 62 -7.67 0.23 -12.79
CA ALA B 62 -8.16 0.92 -13.97
C ALA B 62 -8.00 2.42 -13.79
N ILE B 63 -7.77 3.11 -14.91
CA ILE B 63 -7.57 4.56 -14.91
C ILE B 63 -8.39 5.15 -16.05
N LYS B 64 -8.32 6.48 -16.15
CA LYS B 64 -8.88 7.22 -17.27
C LYS B 64 -7.80 8.15 -17.79
N LYS B 65 -7.24 7.81 -18.96
CA LYS B 65 -6.19 8.64 -19.53
C LYS B 65 -6.66 10.09 -19.62
N LYS B 66 -5.70 11.01 -19.62
CA LYS B 66 -6.00 12.42 -19.56
C LYS B 66 -6.88 12.83 -20.72
N ASP B 67 -8.08 13.36 -20.40
CA ASP B 67 -9.03 13.92 -21.35
C ASP B 67 -9.84 12.84 -22.10
N SER B 68 -10.26 11.79 -21.40
CA SER B 68 -11.16 10.82 -21.99
C SER B 68 -12.08 10.26 -20.92
N THR B 69 -13.13 9.58 -21.38
CA THR B 69 -14.18 9.07 -20.51
C THR B 69 -14.16 7.56 -20.37
N LYS B 70 -13.27 6.86 -21.09
CA LYS B 70 -13.28 5.41 -21.15
C LYS B 70 -12.20 4.84 -20.23
N TRP B 71 -12.56 3.81 -19.47
CA TRP B 71 -11.61 3.17 -18.58
C TRP B 71 -10.52 2.46 -19.36
N ARG B 72 -9.30 2.51 -18.84
CA ARG B 72 -8.17 1.75 -19.37
C ARG B 72 -7.65 0.83 -18.28
N LYS B 73 -7.49 -0.44 -18.61
CA LYS B 73 -6.88 -1.39 -17.70
C LYS B 73 -5.40 -1.08 -17.53
N LEU B 74 -4.93 -1.09 -16.29
CA LEU B 74 -3.52 -0.85 -15.98
C LEU B 74 -3.04 -1.94 -15.04
N VAL B 75 -2.07 -2.72 -15.50
CA VAL B 75 -1.45 -3.75 -14.69
C VAL B 75 -0.15 -3.18 -14.12
N ASP B 76 0.06 -3.38 -12.82
CA ASP B 76 1.26 -2.88 -12.14
C ASP B 76 2.33 -3.97 -12.20
N PHE B 77 3.07 -4.00 -13.30
CA PHE B 77 4.11 -5.00 -13.53
C PHE B 77 5.46 -4.61 -12.91
N ARG B 78 5.48 -3.71 -11.93
CA ARG B 78 6.74 -3.25 -11.39
C ARG B 78 7.59 -4.43 -10.87
N GLU B 79 6.96 -5.35 -10.14
CA GLU B 79 7.72 -6.49 -9.61
C GLU B 79 8.17 -7.41 -10.73
N LEU B 80 7.25 -7.77 -11.64
CA LEU B 80 7.64 -8.63 -12.76
C LEU B 80 8.76 -8.00 -13.57
N ASN B 81 8.70 -6.68 -13.77
CA ASN B 81 9.73 -6.01 -14.56
C ASN B 81 11.09 -6.08 -13.87
N LYS B 82 11.13 -6.06 -12.53
CA LYS B 82 12.38 -6.24 -11.81
C LYS B 82 12.92 -7.65 -12.00
N ARG B 83 12.04 -8.65 -12.02
CA ARG B 83 12.43 -10.05 -12.04
C ARG B 83 12.62 -10.60 -13.45
N THR B 84 12.27 -9.84 -14.48
CA THR B 84 12.37 -10.33 -15.85
C THR B 84 13.80 -10.16 -16.35
N GLN B 85 14.29 -11.17 -17.09
CA GLN B 85 15.59 -11.09 -17.74
C GLN B 85 15.77 -9.73 -18.39
N ASP B 86 17.00 -9.33 -18.63
CA ASP B 86 17.25 -8.12 -19.40
C ASP B 86 17.37 -8.50 -20.87
N PHE B 87 16.95 -7.56 -21.73
CA PHE B 87 16.79 -7.82 -23.16
C PHE B 87 17.89 -7.09 -23.91
N TRP B 88 19.03 -7.76 -24.08
CA TRP B 88 20.13 -7.24 -24.88
C TRP B 88 20.49 -8.14 -26.05
N GLU B 89 19.62 -9.10 -26.41
CA GLU B 89 20.03 -10.13 -27.37
C GLU B 89 20.31 -9.54 -28.75
N VAL B 90 19.37 -8.79 -29.31
CA VAL B 90 19.58 -8.19 -30.62
C VAL B 90 20.31 -6.85 -30.49
N GLN B 91 20.01 -6.09 -29.44
CA GLN B 91 20.62 -4.75 -29.29
C GLN B 91 21.06 -4.60 -27.83
N LEU B 92 22.27 -4.11 -27.58
CA LEU B 92 22.69 -3.85 -26.17
C LEU B 92 21.77 -2.78 -25.58
N GLY B 93 20.76 -2.36 -26.34
CA GLY B 93 19.83 -1.30 -25.89
C GLY B 93 19.56 -0.31 -26.99
N ILE B 94 18.65 0.64 -26.77
CA ILE B 94 18.29 1.67 -27.73
C ILE B 94 18.90 2.98 -27.28
N PRO B 95 20.14 3.33 -27.69
CA PRO B 95 20.78 4.56 -27.20
C PRO B 95 19.83 5.74 -27.18
N HIS B 96 19.61 6.31 -26.00
CA HIS B 96 18.57 7.30 -25.84
C HIS B 96 18.84 8.51 -26.73
N PRO B 97 17.85 9.02 -27.46
CA PRO B 97 18.07 10.19 -28.32
C PRO B 97 18.13 11.46 -27.50
N ALA B 98 19.29 12.12 -27.51
CA ALA B 98 19.47 13.36 -26.77
C ALA B 98 18.80 14.56 -27.45
N GLY B 99 18.40 14.42 -28.71
CA GLY B 99 17.72 15.49 -29.40
C GLY B 99 16.24 15.61 -29.10
N LEU B 100 15.65 14.58 -28.49
CA LEU B 100 14.22 14.62 -28.19
C LEU B 100 13.88 15.79 -27.28
N LYS B 101 14.68 16.01 -26.23
CA LYS B 101 14.42 17.08 -25.27
C LYS B 101 14.60 18.47 -25.87
N LYS B 102 15.10 18.57 -27.10
CA LYS B 102 15.39 19.85 -27.72
C LYS B 102 14.41 20.22 -28.83
N LYS B 103 13.40 19.39 -29.09
CA LYS B 103 12.38 19.73 -30.07
C LYS B 103 11.35 20.66 -29.44
N LYS B 104 10.70 21.44 -30.31
CA LYS B 104 9.73 22.43 -29.84
C LYS B 104 8.41 21.77 -29.41
N SER B 105 8.02 20.69 -30.05
CA SER B 105 6.80 19.97 -29.70
C SER B 105 7.10 18.48 -29.68
N VAL B 106 6.60 17.81 -28.63
CA VAL B 106 6.70 16.36 -28.52
C VAL B 106 5.32 15.84 -28.12
N THR B 107 4.73 15.03 -28.99
CA THR B 107 3.44 14.40 -28.71
C THR B 107 3.66 12.98 -28.24
N VAL B 108 2.90 12.57 -27.22
CA VAL B 108 3.00 11.23 -26.66
C VAL B 108 1.79 10.42 -27.15
N LEU B 109 2.05 9.27 -27.75
CA LEU B 109 1.02 8.40 -28.28
C LEU B 109 0.96 7.11 -27.50
N ASP B 110 -0.27 6.65 -27.20
CA ASP B 110 -0.49 5.35 -26.57
C ASP B 110 -0.59 4.32 -27.68
N VAL B 111 0.52 3.61 -27.94
CA VAL B 111 0.56 2.57 -28.96
C VAL B 111 0.49 1.17 -28.35
N GLY B 112 0.20 1.07 -27.05
CA GLY B 112 0.25 -0.22 -26.38
C GLY B 112 -0.64 -1.27 -27.01
N ASP B 113 -1.73 -0.85 -27.65
CA ASP B 113 -2.66 -1.81 -28.23
C ASP B 113 -1.99 -2.66 -29.31
N ALA B 114 -0.96 -2.12 -29.97
CA ALA B 114 -0.28 -2.88 -31.01
C ALA B 114 0.39 -4.13 -30.44
N TYR B 115 0.82 -4.09 -29.18
CA TYR B 115 1.52 -5.24 -28.59
C TYR B 115 0.64 -6.47 -28.58
N PHE B 116 -0.69 -6.31 -28.52
CA PHE B 116 -1.61 -7.44 -28.43
C PHE B 116 -1.61 -8.30 -29.69
N SER B 117 -0.89 -7.91 -30.74
CA SER B 117 -0.84 -8.68 -31.98
C SER B 117 0.27 -9.71 -32.00
N VAL B 118 1.08 -9.80 -30.95
CA VAL B 118 2.23 -10.69 -30.89
C VAL B 118 2.00 -11.70 -29.77
N PRO B 119 2.08 -13.00 -30.03
CA PRO B 119 1.88 -13.97 -28.95
C PRO B 119 3.02 -13.93 -27.95
N LEU B 120 2.70 -14.36 -26.73
CA LEU B 120 3.67 -14.42 -25.65
C LEU B 120 4.17 -15.84 -25.46
N ASP B 121 5.46 -15.98 -25.20
CA ASP B 121 6.09 -17.28 -24.96
C ASP B 121 5.23 -18.13 -24.03
N GLU B 122 4.83 -19.31 -24.53
CA GLU B 122 3.91 -20.17 -23.80
C GLU B 122 4.40 -20.48 -22.39
N ASP B 123 5.72 -20.58 -22.19
CA ASP B 123 6.25 -20.94 -20.88
C ASP B 123 6.32 -19.76 -19.92
N PHE B 124 6.21 -18.53 -20.41
CA PHE B 124 6.29 -17.33 -19.57
C PHE B 124 4.91 -16.79 -19.19
N ARG B 125 3.84 -17.27 -19.82
CA ARG B 125 2.52 -16.67 -19.63
C ARG B 125 2.08 -16.72 -18.18
N LYS B 126 2.39 -17.82 -17.48
CA LYS B 126 1.93 -17.99 -16.10
C LYS B 126 2.36 -16.83 -15.21
N TYR B 127 3.48 -16.18 -15.53
CA TYR B 127 4.01 -15.11 -14.68
C TYR B 127 3.24 -13.80 -14.85
N THR B 128 2.34 -13.70 -15.83
CA THR B 128 1.51 -12.51 -16.00
C THR B 128 0.15 -12.65 -15.33
N ALA B 129 0.01 -13.58 -14.40
CA ALA B 129 -1.29 -13.83 -13.77
C ALA B 129 -1.76 -12.61 -12.99
N PHE B 130 -3.07 -12.37 -13.03
CA PHE B 130 -3.65 -11.29 -12.23
C PHE B 130 -5.08 -11.68 -11.85
N THR B 131 -5.64 -10.91 -10.92
CA THR B 131 -6.92 -11.23 -10.30
C THR B 131 -7.83 -10.01 -10.33
N ILE B 132 -9.04 -10.17 -10.84
CA ILE B 132 -10.12 -9.20 -10.63
C ILE B 132 -10.84 -9.60 -9.35
N PRO B 133 -10.72 -8.85 -8.29
CA PRO B 133 -11.39 -9.21 -7.06
C PRO B 133 -12.86 -8.87 -7.03
N SER B 134 -13.59 -9.43 -6.10
CA SER B 134 -14.99 -9.11 -5.90
C SER B 134 -15.17 -8.31 -4.63
N ILE B 135 -16.21 -7.48 -4.59
CA ILE B 135 -16.50 -6.71 -3.39
C ILE B 135 -16.73 -7.65 -2.23
N ASN B 136 -16.05 -7.39 -1.11
CA ASN B 136 -16.22 -8.16 0.12
C ASN B 136 -15.86 -9.63 -0.07
N ASN B 137 -15.11 -9.96 -1.12
CA ASN B 137 -14.65 -11.33 -1.36
C ASN B 137 -15.82 -12.32 -1.33
N GLU B 138 -16.98 -11.88 -1.82
CA GLU B 138 -18.17 -12.71 -1.79
C GLU B 138 -18.14 -13.79 -2.87
N THR B 139 -17.44 -13.55 -3.97
CA THR B 139 -17.21 -14.55 -5.00
C THR B 139 -15.72 -14.67 -5.25
N PRO B 140 -15.24 -15.83 -5.72
CA PRO B 140 -13.81 -15.97 -6.02
C PRO B 140 -13.35 -14.94 -7.04
N GLY B 141 -12.18 -14.37 -6.79
CA GLY B 141 -11.60 -13.45 -7.75
C GLY B 141 -11.37 -14.13 -9.10
N ILE B 142 -11.58 -13.38 -10.16
CA ILE B 142 -11.46 -13.91 -11.52
C ILE B 142 -9.98 -13.88 -11.91
N ARG B 143 -9.44 -15.05 -12.26
CA ARG B 143 -8.01 -15.23 -12.48
C ARG B 143 -7.73 -15.36 -13.98
N TYR B 144 -6.80 -14.55 -14.47
CA TYR B 144 -6.41 -14.54 -15.87
C TYR B 144 -4.91 -14.58 -16.01
N GLN B 145 -4.46 -14.96 -17.21
CA GLN B 145 -3.08 -14.76 -17.62
C GLN B 145 -3.09 -14.28 -19.07
N TYR B 146 -1.98 -13.69 -19.49
CA TYR B 146 -1.86 -13.14 -20.83
C TYR B 146 -1.38 -14.19 -21.82
N ASN B 147 -1.98 -14.18 -23.01
CA ASN B 147 -1.50 -14.97 -24.14
C ASN B 147 -0.67 -14.15 -25.11
N VAL B 148 -0.71 -12.82 -24.99
CA VAL B 148 0.01 -11.91 -25.89
C VAL B 148 0.83 -10.97 -25.02
N LEU B 149 1.68 -10.18 -25.68
CA LEU B 149 2.52 -9.22 -24.99
C LEU B 149 1.66 -8.25 -24.18
N PRO B 150 1.84 -8.17 -22.86
CA PRO B 150 0.98 -7.28 -22.07
C PRO B 150 1.46 -5.84 -22.08
N GLN B 151 0.50 -4.93 -22.00
CA GLN B 151 0.81 -3.53 -21.78
C GLN B 151 1.42 -3.34 -20.39
N GLY B 152 2.49 -2.56 -20.33
CA GLY B 152 3.14 -2.25 -19.07
C GLY B 152 4.31 -3.16 -18.69
N TRP B 153 4.54 -4.23 -19.44
CA TRP B 153 5.65 -5.13 -19.18
C TRP B 153 6.85 -4.72 -20.03
N LYS B 154 8.02 -4.62 -19.39
CA LYS B 154 9.19 -4.07 -20.09
C LYS B 154 9.56 -4.91 -21.30
N GLY B 155 9.27 -6.21 -21.27
CA GLY B 155 9.59 -7.06 -22.40
C GLY B 155 8.75 -6.80 -23.63
N SER B 156 7.62 -6.12 -23.49
CA SER B 156 6.75 -5.91 -24.64
C SER B 156 7.37 -5.00 -25.68
N PRO B 157 7.83 -3.78 -25.36
CA PRO B 157 8.50 -2.98 -26.39
C PRO B 157 9.77 -3.62 -26.92
N ALA B 158 10.44 -4.44 -26.11
CA ALA B 158 11.65 -5.11 -26.56
C ALA B 158 11.33 -6.16 -27.62
N ILE B 159 10.35 -7.02 -27.36
CA ILE B 159 10.00 -8.06 -28.32
C ILE B 159 9.34 -7.47 -29.56
N PHE B 160 8.59 -6.39 -29.40
CA PHE B 160 7.90 -5.74 -30.51
C PHE B 160 8.79 -4.74 -31.25
N GLN B 161 10.01 -4.50 -30.76
CA GLN B 161 10.85 -3.47 -31.35
C GLN B 161 11.11 -3.73 -32.83
N SER B 162 11.43 -4.98 -33.19
CA SER B 162 11.68 -5.31 -34.59
C SER B 162 10.46 -4.98 -35.45
N SER B 163 9.25 -5.24 -34.93
CA SER B 163 8.04 -4.97 -35.70
C SER B 163 7.77 -3.47 -35.79
N MET B 164 8.06 -2.72 -34.71
CA MET B 164 7.79 -1.29 -34.71
C MET B 164 8.68 -0.56 -35.71
N THR B 165 9.98 -0.88 -35.72
CA THR B 165 10.89 -0.23 -36.67
C THR B 165 10.40 -0.39 -38.10
N LYS B 166 9.84 -1.55 -38.42
CA LYS B 166 9.39 -1.82 -39.79
C LYS B 166 8.11 -1.05 -40.10
N ILE B 167 7.21 -0.92 -39.12
CA ILE B 167 5.99 -0.15 -39.34
C ILE B 167 6.32 1.31 -39.64
N LEU B 168 7.33 1.85 -38.97
CA LEU B 168 7.62 3.28 -39.03
C LEU B 168 8.60 3.66 -40.12
N GLU B 169 9.22 2.68 -40.81
CA GLU B 169 10.21 3.00 -41.83
C GLU B 169 9.69 3.97 -42.87
N PRO B 170 8.51 3.77 -43.47
CA PRO B 170 8.04 4.74 -44.47
C PRO B 170 7.89 6.14 -43.91
N PHE B 171 7.46 6.28 -42.67
CA PHE B 171 7.25 7.61 -42.09
C PHE B 171 8.58 8.28 -41.73
N LYS B 172 9.56 7.49 -41.25
CA LYS B 172 10.87 8.05 -40.93
C LYS B 172 11.58 8.51 -42.19
N LYS B 173 11.63 7.67 -43.22
CA LYS B 173 12.29 8.02 -44.47
C LYS B 173 11.74 9.31 -45.05
N GLN B 174 10.42 9.50 -44.95
CA GLN B 174 9.75 10.67 -45.50
C GLN B 174 9.89 11.89 -44.60
N ASN B 175 10.15 11.70 -43.30
CA ASN B 175 10.30 12.80 -42.34
C ASN B 175 11.56 12.54 -41.52
N PRO B 176 12.73 12.84 -42.07
CA PRO B 176 13.98 12.45 -41.39
C PRO B 176 14.33 13.30 -40.18
N ASP B 177 13.76 14.50 -40.03
CA ASP B 177 14.06 15.34 -38.88
C ASP B 177 13.20 15.03 -37.67
N ILE B 178 12.25 14.11 -37.79
CA ILE B 178 11.37 13.76 -36.67
C ILE B 178 12.10 12.78 -35.77
N VAL B 179 12.06 13.03 -34.47
CA VAL B 179 12.63 12.14 -33.47
C VAL B 179 11.48 11.32 -32.89
N ILE B 180 11.60 10.00 -32.99
CA ILE B 180 10.59 9.07 -32.48
C ILE B 180 11.26 8.17 -31.46
N TYR B 181 10.77 8.22 -30.22
CA TYR B 181 11.31 7.44 -29.11
C TYR B 181 10.19 6.66 -28.45
N GLN B 182 10.45 5.38 -28.16
CA GLN B 182 9.47 4.50 -27.55
C GLN B 182 9.89 4.19 -26.13
N TYR B 183 8.97 4.39 -25.19
CA TYR B 183 9.16 3.97 -23.80
C TYR B 183 7.92 3.23 -23.34
N MET B 184 8.07 1.97 -22.98
CA MET B 184 6.94 1.15 -22.62
C MET B 184 5.79 1.25 -23.60
N ASP B 185 4.62 1.62 -23.16
CA ASP B 185 3.48 1.72 -24.06
C ASP B 185 3.41 3.04 -24.81
N ASP B 186 4.33 3.97 -24.54
CA ASP B 186 4.26 5.32 -25.08
C ASP B 186 5.19 5.48 -26.28
N LEU B 187 4.74 6.29 -27.23
CA LEU B 187 5.58 6.71 -28.35
C LEU B 187 5.70 8.23 -28.30
N TYR B 188 6.93 8.72 -28.18
CA TYR B 188 7.21 10.14 -28.11
C TYR B 188 7.72 10.60 -29.48
N VAL B 189 7.01 11.56 -30.08
CA VAL B 189 7.30 12.02 -31.44
C VAL B 189 7.56 13.52 -31.37
N GLY B 190 8.80 13.91 -31.65
CA GLY B 190 9.24 15.29 -31.50
C GLY B 190 9.56 15.93 -32.85
N SER B 191 9.10 17.17 -33.03
CA SER B 191 9.36 17.92 -34.25
C SER B 191 9.60 19.38 -33.89
N ASP B 192 10.08 20.14 -34.88
CA ASP B 192 10.29 21.57 -34.74
C ASP B 192 9.29 22.37 -35.58
N LEU B 193 8.17 21.77 -35.94
CA LEU B 193 7.19 22.38 -36.83
C LEU B 193 6.19 23.22 -36.06
N GLU B 194 5.49 24.09 -36.79
CA GLU B 194 4.33 24.77 -36.24
C GLU B 194 3.28 23.75 -35.82
N ILE B 195 2.64 24.00 -34.68
CA ILE B 195 1.80 22.98 -34.05
C ILE B 195 0.76 22.44 -35.04
N GLY B 196 0.15 23.33 -35.82
CA GLY B 196 -0.82 22.87 -36.81
C GLY B 196 -0.21 21.84 -37.74
N GLN B 197 0.94 22.16 -38.32
CA GLN B 197 1.74 21.16 -39.04
C GLN B 197 1.94 19.93 -38.18
N HIS B 198 2.45 20.14 -36.95
CA HIS B 198 2.82 19.04 -36.07
C HIS B 198 1.65 18.08 -35.87
N ARG B 199 0.49 18.62 -35.48
CA ARG B 199 -0.67 17.76 -35.25
C ARG B 199 -1.01 16.93 -36.47
N THR B 200 -0.70 17.43 -37.67
CA THR B 200 -1.02 16.70 -38.90
C THR B 200 -0.01 15.60 -39.19
N LYS B 201 1.26 15.79 -38.81
CA LYS B 201 2.23 14.71 -38.93
C LYS B 201 1.92 13.60 -37.93
N ILE B 202 1.52 13.98 -36.72
CA ILE B 202 1.08 12.99 -35.74
C ILE B 202 -0.08 12.17 -36.29
N GLU B 203 -1.06 12.85 -36.90
CA GLU B 203 -2.19 12.15 -37.49
C GLU B 203 -1.75 11.27 -38.65
N GLU B 204 -0.78 11.74 -39.44
CA GLU B 204 -0.14 10.88 -40.43
C GLU B 204 0.37 9.61 -39.77
N LEU B 205 1.05 9.77 -38.64
CA LEU B 205 1.68 8.63 -37.97
C LEU B 205 0.64 7.64 -37.45
N ARG B 206 -0.47 8.14 -36.90
CA ARG B 206 -1.55 7.26 -36.47
C ARG B 206 -1.98 6.33 -37.60
N GLN B 207 -2.10 6.87 -38.81
CA GLN B 207 -2.63 6.08 -39.93
C GLN B 207 -1.72 4.90 -40.25
N HIS B 208 -0.40 5.10 -40.19
CA HIS B 208 0.52 3.99 -40.41
C HIS B 208 0.20 2.81 -39.51
N LEU B 209 -0.28 3.13 -38.32
CA LEU B 209 -0.58 2.10 -37.35
C LEU B 209 -1.93 1.53 -37.62
N LEU B 210 -2.90 2.39 -37.83
CA LEU B 210 -4.22 1.91 -38.26
C LEU B 210 -4.08 1.02 -39.48
N ARG B 211 -3.32 1.47 -40.49
CA ARG B 211 -3.10 0.67 -41.68
C ARG B 211 -2.51 -0.70 -41.33
N TRP B 212 -1.40 -0.70 -40.58
CA TRP B 212 -0.80 -1.96 -40.16
C TRP B 212 -1.78 -2.79 -39.34
N GLY B 213 -2.52 -2.15 -38.43
CA GLY B 213 -3.48 -2.88 -37.62
C GLY B 213 -4.48 -3.66 -38.47
N LEU B 214 -5.01 -3.03 -39.52
CA LEU B 214 -5.94 -3.71 -40.41
C LEU B 214 -5.15 -4.59 -41.39
N GLU B 224 -9.84 -2.36 -33.11
CA GLU B 224 -9.30 -1.03 -33.33
C GLU B 224 -8.76 -0.46 -32.02
N PRO B 225 -7.59 0.18 -32.07
CA PRO B 225 -6.95 0.65 -30.83
C PRO B 225 -7.80 1.69 -30.14
N PRO B 226 -8.14 1.48 -28.85
CA PRO B 226 -9.11 2.38 -28.20
C PRO B 226 -8.57 3.74 -27.86
N PHE B 227 -7.27 3.88 -27.59
CA PHE B 227 -6.70 5.15 -27.15
C PHE B 227 -5.61 5.67 -28.09
N LEU B 228 -5.47 5.09 -29.27
CA LEU B 228 -4.47 5.56 -30.23
C LEU B 228 -4.78 6.96 -30.74
N TRP B 229 -6.05 7.39 -30.69
CA TRP B 229 -6.42 8.70 -31.21
C TRP B 229 -5.95 9.84 -30.30
N MET B 230 -5.57 9.56 -29.06
CA MET B 230 -5.24 10.60 -28.11
C MET B 230 -3.84 11.15 -28.35
N GLY B 231 -3.56 12.29 -27.77
CA GLY B 231 -2.27 12.90 -27.93
C GLY B 231 -1.97 13.89 -26.83
N TYR B 232 -0.89 13.63 -26.12
CA TYR B 232 -0.41 14.43 -25.01
C TYR B 232 0.74 15.30 -25.53
N GLU B 233 0.50 16.60 -25.63
CA GLU B 233 1.43 17.51 -26.30
C GLU B 233 2.35 18.16 -25.28
N LEU B 234 3.66 18.00 -25.48
CA LEU B 234 4.67 18.63 -24.64
C LEU B 234 5.43 19.66 -25.46
N HIS B 235 6.24 20.45 -24.75
CA HIS B 235 7.08 21.48 -25.38
C HIS B 235 8.37 21.59 -24.56
N PRO B 236 9.27 20.62 -24.71
CA PRO B 236 10.45 20.56 -23.84
C PRO B 236 11.41 21.71 -24.01
N ASP B 237 11.43 22.37 -25.16
CA ASP B 237 12.34 23.51 -25.34
C ASP B 237 11.97 24.67 -24.43
N LYS B 238 10.75 24.70 -23.91
CA LYS B 238 10.31 25.73 -22.97
C LYS B 238 10.44 25.31 -21.51
N TRP B 239 10.93 24.10 -21.24
CA TRP B 239 11.02 23.63 -19.86
C TRP B 239 11.96 24.52 -19.06
N THR B 240 11.49 24.96 -17.89
CA THR B 240 12.18 25.93 -17.08
C THR B 240 12.94 25.25 -15.94
N VAL B 241 14.06 25.85 -15.55
CA VAL B 241 14.90 25.32 -14.49
C VAL B 241 14.94 26.35 -13.36
N GLN B 242 15.61 26.01 -12.26
CA GLN B 242 15.61 26.84 -11.05
C GLN B 242 17.02 27.00 -10.51
N PRO B 243 17.76 28.01 -10.97
CA PRO B 243 19.05 28.33 -10.34
C PRO B 243 18.84 28.93 -8.95
N ILE B 244 19.92 29.03 -8.20
CA ILE B 244 19.86 29.65 -6.89
C ILE B 244 19.94 31.16 -7.05
N VAL B 245 18.97 31.87 -6.48
CA VAL B 245 18.90 33.32 -6.55
C VAL B 245 18.81 33.86 -5.13
N LEU B 246 19.50 34.98 -4.88
CA LEU B 246 19.47 35.64 -3.59
C LEU B 246 18.63 36.90 -3.65
N PRO B 247 18.04 37.34 -2.55
CA PRO B 247 17.20 38.55 -2.59
C PRO B 247 18.01 39.78 -2.91
N GLU B 248 17.35 40.75 -3.53
CA GLU B 248 17.89 42.09 -3.76
C GLU B 248 17.04 43.07 -2.94
N LYS B 249 17.63 43.63 -1.90
CA LYS B 249 16.91 44.48 -0.95
C LYS B 249 17.69 45.76 -0.72
N ASP B 250 16.94 46.79 -0.30
CA ASP B 250 17.51 48.03 0.18
C ASP B 250 17.57 48.10 1.70
N SER B 251 16.67 47.40 2.39
CA SER B 251 16.65 47.32 3.84
C SER B 251 16.73 45.86 4.24
N TRP B 252 17.79 45.50 4.95
CA TRP B 252 18.00 44.13 5.44
C TRP B 252 17.78 44.10 6.94
N THR B 253 16.78 43.33 7.38
CA THR B 253 16.62 43.07 8.80
C THR B 253 17.61 42.01 9.25
N VAL B 254 17.80 41.92 10.57
CA VAL B 254 18.61 40.85 11.15
C VAL B 254 18.10 39.50 10.66
N ASN B 255 16.78 39.32 10.63
CA ASN B 255 16.21 38.05 10.18
C ASN B 255 16.51 37.80 8.70
N ASP B 256 16.38 38.83 7.86
CA ASP B 256 16.73 38.69 6.46
C ASP B 256 18.16 38.17 6.30
N ILE B 257 19.10 38.77 7.05
CA ILE B 257 20.50 38.39 6.92
C ILE B 257 20.73 36.98 7.42
N GLN B 258 20.05 36.60 8.51
CA GLN B 258 20.17 35.23 9.01
C GLN B 258 19.70 34.23 7.96
N LYS B 259 18.55 34.49 7.34
CA LYS B 259 18.07 33.61 6.28
C LYS B 259 19.04 33.60 5.10
N LEU B 260 19.65 34.74 4.78
CA LEU B 260 20.63 34.79 3.70
C LEU B 260 21.84 33.93 4.02
N VAL B 261 22.40 34.11 5.22
CA VAL B 261 23.57 33.32 5.62
C VAL B 261 23.22 31.85 5.68
N GLY B 262 22.00 31.52 6.11
CA GLY B 262 21.57 30.13 6.10
C GLY B 262 21.55 29.55 4.70
N LYS B 263 20.97 30.29 3.75
CA LYS B 263 20.90 29.79 2.38
C LYS B 263 22.29 29.69 1.75
N LEU B 264 23.15 30.67 2.01
CA LEU B 264 24.50 30.63 1.45
C LEU B 264 25.30 29.46 2.02
N ASN B 265 25.09 29.15 3.31
CA ASN B 265 25.74 28.00 3.91
C ASN B 265 25.33 26.71 3.21
N TRP B 266 24.04 26.59 2.88
CA TRP B 266 23.56 25.44 2.13
C TRP B 266 24.13 25.42 0.72
N ALA B 267 24.18 26.58 0.07
CA ALA B 267 24.73 26.65 -1.29
C ALA B 267 26.20 26.26 -1.32
N SER B 268 26.95 26.53 -0.25
CA SER B 268 28.37 26.24 -0.24
C SER B 268 28.66 24.75 -0.32
N GLN B 269 27.69 23.89 0.01
CA GLN B 269 27.82 22.47 -0.24
C GLN B 269 27.78 22.15 -1.73
N ILE B 270 27.16 23.01 -2.52
CA ILE B 270 27.03 22.80 -3.96
C ILE B 270 28.06 23.60 -4.74
N TYR B 271 28.35 24.81 -4.30
CA TYR B 271 29.28 25.71 -4.98
C TYR B 271 30.48 25.96 -4.09
N PRO B 272 31.71 25.73 -4.58
CA PRO B 272 32.88 25.79 -3.69
C PRO B 272 33.10 27.14 -3.00
N GLY B 273 33.25 28.20 -3.79
CA GLY B 273 33.78 29.45 -3.26
C GLY B 273 32.80 30.39 -2.59
N ILE B 274 31.74 29.85 -2.00
CA ILE B 274 30.78 30.69 -1.28
C ILE B 274 31.36 31.09 0.06
N LYS B 275 31.20 32.36 0.43
CA LYS B 275 31.70 32.90 1.68
C LYS B 275 30.61 33.67 2.42
N VAL B 276 30.61 33.58 3.74
CA VAL B 276 29.65 34.29 4.57
C VAL B 276 30.31 35.07 5.70
N ARG B 277 31.64 35.09 5.77
CA ARG B 277 32.34 35.78 6.84
C ARG B 277 31.84 37.22 6.99
N GLN B 278 31.89 37.99 5.90
CA GLN B 278 31.56 39.41 6.00
C GLN B 278 30.08 39.64 6.29
N LEU B 279 29.20 38.74 5.83
CA LEU B 279 27.78 38.89 6.09
C LEU B 279 27.44 38.52 7.53
N SER B 280 28.05 37.47 8.06
CA SER B 280 27.89 37.16 9.48
C SER B 280 28.32 38.34 10.35
N LYS B 281 29.43 38.98 9.97
CA LYS B 281 29.99 40.09 10.75
C LYS B 281 29.03 41.27 10.86
N LEU B 282 27.99 41.33 10.05
CA LEU B 282 26.99 42.38 10.21
C LEU B 282 26.12 42.15 11.45
N LEU B 283 26.00 40.91 11.90
CA LEU B 283 25.13 40.56 13.01
C LEU B 283 25.82 40.66 14.36
N ARG B 284 27.07 41.11 14.40
CA ARG B 284 27.81 41.19 15.66
C ARG B 284 26.97 41.87 16.74
N GLY B 285 26.88 41.22 17.89
CA GLY B 285 26.01 41.63 18.96
C GLY B 285 24.84 40.69 19.13
N THR B 286 23.78 41.21 19.77
CA THR B 286 22.58 40.44 20.09
C THR B 286 21.38 41.34 19.79
N LYS B 287 20.96 41.33 18.54
CA LYS B 287 20.00 42.31 18.04
C LYS B 287 18.62 41.70 17.86
N ALA B 288 17.61 42.57 17.93
CA ALA B 288 16.24 42.17 17.65
C ALA B 288 16.13 41.69 16.21
N LEU B 289 15.29 40.67 15.99
CA LEU B 289 15.16 40.07 14.67
C LEU B 289 14.71 41.07 13.62
N THR B 290 13.87 42.02 14.00
CA THR B 290 13.28 42.96 13.05
C THR B 290 14.10 44.24 12.88
N GLU B 291 15.26 44.35 13.52
CA GLU B 291 16.07 45.55 13.40
C GLU B 291 16.76 45.58 12.04
N VAL B 292 16.76 46.76 11.42
CA VAL B 292 17.38 46.95 10.11
C VAL B 292 18.88 47.14 10.28
N ILE B 293 19.66 46.47 9.42
CA ILE B 293 21.11 46.51 9.47
C ILE B 293 21.60 47.10 8.14
N PRO B 294 22.40 48.16 8.16
CA PRO B 294 23.01 48.62 6.90
C PRO B 294 24.13 47.69 6.46
N LEU B 295 24.14 47.36 5.17
CA LEU B 295 25.23 46.55 4.63
C LEU B 295 26.52 47.37 4.57
N THR B 296 27.61 46.78 5.06
CA THR B 296 28.92 47.36 4.84
C THR B 296 29.39 47.07 3.42
N GLU B 297 30.35 47.86 2.96
CA GLU B 297 30.92 47.63 1.64
C GLU B 297 31.52 46.24 1.53
N GLU B 298 32.17 45.77 2.60
CA GLU B 298 32.74 44.43 2.61
C GLU B 298 31.66 43.37 2.43
N ALA B 299 30.50 43.58 3.08
CA ALA B 299 29.42 42.60 2.98
C ALA B 299 28.75 42.65 1.61
N GLU B 300 28.60 43.85 1.05
CA GLU B 300 28.01 43.97 -0.29
C GLU B 300 28.89 43.29 -1.33
N LEU B 301 30.21 43.43 -1.20
CA LEU B 301 31.11 42.78 -2.15
C LEU B 301 31.00 41.26 -2.05
N GLU B 302 31.18 40.72 -0.84
CA GLU B 302 31.03 39.28 -0.64
C GLU B 302 29.69 38.80 -1.19
N LEU B 303 28.63 39.58 -1.01
CA LEU B 303 27.33 39.20 -1.53
C LEU B 303 27.32 39.19 -3.05
N ALA B 304 27.90 40.22 -3.67
CA ALA B 304 27.96 40.26 -5.13
C ALA B 304 28.79 39.10 -5.69
N GLU B 305 29.92 38.80 -5.04
CA GLU B 305 30.75 37.69 -5.49
C GLU B 305 30.01 36.37 -5.38
N ASN B 306 29.17 36.21 -4.35
CA ASN B 306 28.37 35.00 -4.24
C ASN B 306 27.31 34.95 -5.34
N ARG B 307 26.72 36.10 -5.68
CA ARG B 307 25.79 36.15 -6.81
C ARG B 307 26.45 35.64 -8.09
N GLU B 308 27.68 36.09 -8.35
CA GLU B 308 28.38 35.69 -9.57
C GLU B 308 28.65 34.20 -9.59
N ILE B 309 29.10 33.65 -8.46
CA ILE B 309 29.30 32.20 -8.36
C ILE B 309 28.03 31.45 -8.71
N LEU B 310 26.89 31.94 -8.20
CA LEU B 310 25.62 31.23 -8.37
C LEU B 310 25.06 31.32 -9.78
N LYS B 311 25.69 32.09 -10.67
CA LYS B 311 25.29 32.13 -12.07
C LYS B 311 25.96 31.07 -12.92
N GLU B 312 26.95 30.36 -12.38
CA GLU B 312 27.68 29.35 -13.11
C GLU B 312 27.07 27.97 -12.87
N PRO B 313 27.28 27.03 -13.78
CA PRO B 313 26.83 25.66 -13.54
C PRO B 313 27.58 25.03 -12.37
N VAL B 314 27.03 23.92 -11.88
CA VAL B 314 27.69 23.16 -10.83
C VAL B 314 28.79 22.31 -11.44
N HIS B 315 29.91 22.21 -10.73
CA HIS B 315 31.09 21.51 -11.22
CA HIS B 315 31.06 21.50 -11.26
C HIS B 315 30.91 20.00 -11.08
N GLY B 316 31.47 19.26 -12.03
CA GLY B 316 31.48 17.81 -11.99
C GLY B 316 30.10 17.16 -11.92
N VAL B 317 29.17 17.63 -12.75
CA VAL B 317 27.83 17.04 -12.81
C VAL B 317 27.73 16.25 -14.10
N TYR B 318 27.46 14.95 -13.96
CA TYR B 318 27.36 14.05 -15.11
C TYR B 318 26.26 13.03 -14.86
N TYR B 319 25.60 12.61 -15.92
CA TYR B 319 24.63 11.52 -15.86
C TYR B 319 25.35 10.20 -16.10
N ASP B 320 25.02 9.21 -15.28
CA ASP B 320 25.54 7.85 -15.42
C ASP B 320 24.38 6.90 -15.62
N PRO B 321 24.22 6.27 -16.79
CA PRO B 321 23.05 5.41 -17.00
C PRO B 321 23.03 4.16 -16.14
N SER B 322 24.09 3.88 -15.38
CA SER B 322 24.09 2.70 -14.50
C SER B 322 23.61 3.03 -13.10
N LYS B 323 23.34 4.29 -12.78
CA LYS B 323 22.91 4.70 -11.45
C LYS B 323 21.45 5.13 -11.48
N ASP B 324 20.78 4.96 -10.35
CA ASP B 324 19.39 5.38 -10.23
C ASP B 324 19.28 6.90 -10.28
N LEU B 325 18.19 7.38 -10.90
CA LEU B 325 17.80 8.78 -10.79
C LEU B 325 16.89 8.94 -9.58
N ILE B 326 17.12 10.00 -8.81
CA ILE B 326 16.37 10.26 -7.59
C ILE B 326 15.66 11.60 -7.75
N ALA B 327 14.37 11.62 -7.42
CA ALA B 327 13.54 12.82 -7.53
C ALA B 327 13.02 13.17 -6.14
N GLU B 328 13.29 14.39 -5.69
CA GLU B 328 12.74 14.90 -4.45
C GLU B 328 11.75 16.02 -4.77
N ILE B 329 10.69 16.11 -3.98
CA ILE B 329 9.62 17.08 -4.19
C ILE B 329 9.34 17.77 -2.85
N GLN B 330 9.17 19.09 -2.88
CA GLN B 330 8.77 19.85 -1.70
C GLN B 330 7.46 20.58 -1.98
N LYS B 331 6.53 20.47 -1.03
CA LYS B 331 5.31 21.27 -1.06
C LYS B 331 5.62 22.69 -0.58
N GLN B 332 5.44 23.67 -1.46
CA GLN B 332 5.74 25.06 -1.12
C GLN B 332 4.51 25.86 -0.73
N GLY B 333 3.32 25.29 -0.84
CA GLY B 333 2.10 25.99 -0.50
C GLY B 333 1.50 26.74 -1.68
N GLN B 334 0.21 27.03 -1.55
CA GLN B 334 -0.53 27.76 -2.58
C GLN B 334 -0.47 27.05 -3.93
N GLY B 335 -0.42 25.72 -3.90
CA GLY B 335 -0.39 24.94 -5.12
C GLY B 335 0.93 24.90 -5.83
N GLN B 336 2.02 25.29 -5.17
CA GLN B 336 3.34 25.33 -5.77
C GLN B 336 4.19 24.18 -5.24
N TRP B 337 4.98 23.58 -6.13
CA TRP B 337 5.83 22.45 -5.79
C TRP B 337 7.19 22.64 -6.45
N THR B 338 8.24 22.36 -5.69
CA THR B 338 9.60 22.38 -6.20
C THR B 338 10.15 20.95 -6.22
N TYR B 339 11.08 20.69 -7.14
CA TYR B 339 11.62 19.34 -7.25
C TYR B 339 13.03 19.41 -7.83
N GLN B 340 13.79 18.36 -7.53
CA GLN B 340 15.16 18.21 -7.99
C GLN B 340 15.37 16.78 -8.41
N ILE B 341 16.10 16.57 -9.50
CA ILE B 341 16.50 15.25 -9.95
C ILE B 341 18.01 15.16 -9.89
N TYR B 342 18.52 14.11 -9.26
CA TYR B 342 19.96 13.94 -9.10
C TYR B 342 20.28 12.45 -8.96
N GLN B 343 21.56 12.14 -9.12
CA GLN B 343 22.09 10.82 -8.81
C GLN B 343 23.02 10.84 -7.62
N GLU B 344 23.84 11.87 -7.49
CA GLU B 344 24.68 12.11 -6.33
C GLU B 344 24.18 13.31 -5.55
N PRO B 345 24.29 13.31 -4.22
CA PRO B 345 23.85 14.48 -3.45
C PRO B 345 24.57 15.75 -3.90
N PHE B 346 23.80 16.83 -4.01
CA PHE B 346 24.31 18.16 -4.35
C PHE B 346 24.78 18.27 -5.79
N LYS B 347 24.47 17.28 -6.63
CA LYS B 347 24.81 17.32 -8.05
C LYS B 347 23.52 17.19 -8.85
N ASN B 348 22.70 18.24 -8.82
CA ASN B 348 21.39 18.19 -9.46
C ASN B 348 21.52 18.18 -10.97
N LEU B 349 20.87 17.21 -11.61
CA LEU B 349 20.81 17.14 -13.07
C LEU B 349 19.65 17.96 -13.63
N LYS B 350 18.59 18.13 -12.86
CA LYS B 350 17.52 19.05 -13.20
C LYS B 350 16.82 19.52 -11.93
N THR B 351 16.39 20.78 -11.95
CA THR B 351 15.53 21.33 -10.91
C THR B 351 14.32 21.96 -11.59
N GLY B 352 13.24 22.12 -10.83
CA GLY B 352 12.05 22.69 -11.42
C GLY B 352 11.06 23.15 -10.36
N LYS B 353 9.94 23.69 -10.84
CA LYS B 353 8.89 24.22 -10.00
C LYS B 353 7.58 24.17 -10.77
N TYR B 354 6.52 23.73 -10.09
CA TYR B 354 5.19 23.68 -10.66
C TYR B 354 4.24 24.57 -9.86
N ALA B 355 3.08 24.87 -10.46
CA ALA B 355 2.13 25.78 -9.81
C ALA B 355 0.72 25.43 -10.27
N ARG B 356 0.65 24.58 -11.31
CA ARG B 356 -0.66 24.19 -11.89
C ARG B 356 -1.17 22.95 -11.15
N MET B 357 -2.12 23.13 -10.24
CA MET B 357 -2.71 22.00 -9.49
C MET B 357 -3.51 21.13 -10.46
N ARG B 358 -4.07 21.74 -11.50
CA ARG B 358 -4.90 21.00 -12.49
C ARG B 358 -6.11 20.37 -11.80
N GLY B 359 -7.18 21.15 -11.60
CA GLY B 359 -8.37 20.65 -10.94
C GLY B 359 -8.10 20.06 -9.57
N ALA B 360 -7.24 20.70 -8.78
CA ALA B 360 -6.83 20.13 -7.50
C ALA B 360 -6.46 21.23 -6.52
N HIS B 361 -7.17 22.35 -6.56
CA HIS B 361 -6.82 23.48 -5.70
C HIS B 361 -7.10 23.21 -4.23
N THR B 362 -7.87 22.16 -3.91
CA THR B 362 -8.14 21.79 -2.53
C THR B 362 -7.73 20.37 -2.21
N ASN B 363 -6.92 19.72 -3.06
CA ASN B 363 -6.48 18.35 -2.84
C ASN B 363 -4.98 18.27 -3.01
N ASP B 364 -4.26 18.32 -1.87
CA ASP B 364 -2.80 18.18 -1.89
C ASP B 364 -2.36 16.91 -2.61
N VAL B 365 -3.04 15.79 -2.35
CA VAL B 365 -2.56 14.50 -2.81
C VAL B 365 -2.75 14.37 -4.32
N LYS B 366 -3.84 14.91 -4.86
CA LYS B 366 -4.01 14.94 -6.31
C LYS B 366 -2.93 15.79 -6.96
N GLN B 367 -2.59 16.93 -6.35
CA GLN B 367 -1.51 17.77 -6.88
C GLN B 367 -0.20 17.02 -6.91
N LEU B 368 0.15 16.35 -5.81
CA LEU B 368 1.40 15.61 -5.75
C LEU B 368 1.42 14.48 -6.78
N THR B 369 0.29 13.81 -6.96
CA THR B 369 0.21 12.73 -7.94
C THR B 369 0.45 13.26 -9.35
N GLU B 370 -0.07 14.45 -9.65
CA GLU B 370 0.17 15.05 -10.97
C GLU B 370 1.63 15.50 -11.12
N ALA B 371 2.19 16.01 -10.03
CA ALA B 371 3.60 16.39 -10.10
C ALA B 371 4.48 15.18 -10.38
N VAL B 372 4.19 14.05 -9.73
CA VAL B 372 4.97 12.83 -9.94
C VAL B 372 4.94 12.42 -11.40
N GLN B 373 3.76 12.50 -12.03
CA GLN B 373 3.63 12.07 -13.42
C GLN B 373 4.38 13.00 -14.36
N LYS B 374 4.32 14.32 -14.12
CA LYS B 374 5.03 15.26 -14.98
C LYS B 374 6.53 15.11 -14.85
N ILE B 375 7.03 14.92 -13.63
CA ILE B 375 8.46 14.72 -13.42
C ILE B 375 8.92 13.44 -14.10
N THR B 376 8.14 12.37 -13.95
CA THR B 376 8.48 11.12 -14.63
C THR B 376 8.54 11.31 -16.14
N THR B 377 7.58 12.06 -16.69
CA THR B 377 7.58 12.31 -18.13
C THR B 377 8.84 13.06 -18.55
N GLU B 378 9.19 14.11 -17.82
CA GLU B 378 10.44 14.84 -18.11
C GLU B 378 11.64 13.91 -18.03
N SER B 379 11.63 12.99 -17.06
N SER B 379 11.64 12.99 -17.06
CA SER B 379 12.76 12.07 -16.91
CA SER B 379 12.77 12.07 -16.91
C SER B 379 12.85 11.10 -18.07
C SER B 379 12.85 11.11 -18.08
N ILE B 380 11.71 10.64 -18.58
CA ILE B 380 11.71 9.73 -19.73
C ILE B 380 12.26 10.44 -20.95
N VAL B 381 11.85 11.69 -21.18
CA VAL B 381 12.29 12.43 -22.35
C VAL B 381 13.80 12.69 -22.31
N ILE B 382 14.32 13.01 -21.12
CA ILE B 382 15.70 13.46 -21.03
C ILE B 382 16.67 12.29 -20.99
N TRP B 383 16.40 11.29 -20.14
CA TRP B 383 17.33 10.19 -19.92
C TRP B 383 16.78 8.82 -20.32
N GLY B 384 15.49 8.71 -20.64
CA GLY B 384 14.94 7.45 -21.06
C GLY B 384 14.63 6.46 -19.95
N LYS B 385 14.51 6.93 -18.71
CA LYS B 385 14.07 6.07 -17.62
C LYS B 385 13.43 6.91 -16.54
N THR B 386 12.76 6.24 -15.62
CA THR B 386 11.99 6.88 -14.57
C THR B 386 12.80 7.00 -13.28
N PRO B 387 12.58 8.05 -12.50
CA PRO B 387 13.34 8.22 -11.25
C PRO B 387 12.64 7.54 -10.08
N LYS B 388 13.40 7.40 -9.00
CA LYS B 388 12.87 6.94 -7.72
C LYS B 388 12.53 8.16 -6.87
N PHE B 389 11.27 8.27 -6.47
CA PHE B 389 10.77 9.46 -5.82
C PHE B 389 10.90 9.38 -4.30
N LYS B 390 11.25 10.50 -3.69
CA LYS B 390 11.18 10.70 -2.25
C LYS B 390 10.00 11.65 -2.03
N LEU B 391 8.87 11.08 -1.61
CA LEU B 391 7.59 11.80 -1.59
C LEU B 391 7.33 12.40 -0.21
N PRO B 392 6.96 13.68 -0.11
CA PRO B 392 6.61 14.28 1.20
C PRO B 392 5.17 13.97 1.60
N ILE B 393 4.95 12.75 2.08
CA ILE B 393 3.61 12.26 2.36
C ILE B 393 3.72 10.99 3.19
N GLN B 394 2.75 10.76 4.06
CA GLN B 394 2.70 9.51 4.81
C GLN B 394 2.32 8.37 3.87
N LYS B 395 3.00 7.24 4.02
CA LYS B 395 2.76 6.09 3.17
C LYS B 395 1.27 5.77 3.06
N GLU B 396 0.59 5.69 4.20
CA GLU B 396 -0.80 5.23 4.20
C GLU B 396 -1.70 6.18 3.40
N THR B 397 -1.46 7.49 3.51
CA THR B 397 -2.24 8.45 2.72
C THR B 397 -1.98 8.25 1.23
N TRP B 398 -0.70 8.20 0.84
CA TRP B 398 -0.37 8.00 -0.57
C TRP B 398 -0.96 6.71 -1.09
N GLU B 399 -0.72 5.62 -0.40
CA GLU B 399 -1.18 4.35 -0.87
C GLU B 399 -2.65 4.23 -1.02
N THR B 400 -3.36 5.01 -0.27
CA THR B 400 -4.82 4.95 -0.32
C THR B 400 -5.39 5.67 -1.53
N TRP B 401 -4.70 6.69 -2.07
CA TRP B 401 -5.33 7.65 -2.97
C TRP B 401 -4.66 7.82 -4.32
N TRP B 402 -3.39 7.45 -4.50
CA TRP B 402 -2.71 7.83 -5.74
C TRP B 402 -3.34 7.18 -6.97
N THR B 403 -3.92 5.98 -6.82
CA THR B 403 -4.55 5.32 -7.97
C THR B 403 -5.77 6.08 -8.47
N GLU B 404 -6.40 6.89 -7.62
CA GLU B 404 -7.58 7.64 -8.03
C GLU B 404 -7.26 8.76 -9.01
N TYR B 405 -6.01 9.23 -9.03
CA TYR B 405 -5.63 10.36 -9.85
C TYR B 405 -4.60 10.01 -10.91
N TRP B 406 -4.23 8.74 -11.04
CA TRP B 406 -3.20 8.33 -11.97
C TRP B 406 -3.74 8.30 -13.39
N GLN B 407 -2.96 8.82 -14.33
CA GLN B 407 -3.36 8.88 -15.73
C GLN B 407 -2.29 8.40 -16.69
N ALA B 408 -1.15 7.92 -16.19
CA ALA B 408 -0.09 7.38 -17.02
C ALA B 408 -0.16 5.86 -17.07
N THR B 409 0.42 5.30 -18.12
CA THR B 409 0.41 3.85 -18.31
C THR B 409 1.64 3.17 -17.72
N TRP B 410 2.58 3.93 -17.17
CA TRP B 410 3.70 3.41 -16.40
C TRP B 410 3.57 3.85 -14.94
N ILE B 411 4.38 3.24 -14.08
CA ILE B 411 4.38 3.55 -12.65
C ILE B 411 5.83 3.60 -12.16
N PRO B 412 6.29 4.68 -11.56
CA PRO B 412 7.65 4.73 -11.02
C PRO B 412 7.72 4.11 -9.63
N GLU B 413 8.93 4.12 -9.07
CA GLU B 413 9.17 3.70 -7.71
C GLU B 413 9.16 4.92 -6.79
N TRP B 414 8.86 4.68 -5.51
CA TRP B 414 8.81 5.79 -4.57
C TRP B 414 9.10 5.30 -3.16
N GLU B 415 9.60 6.23 -2.34
CA GLU B 415 9.72 6.05 -0.90
C GLU B 415 9.18 7.31 -0.24
N PHE B 416 9.09 7.31 1.08
CA PHE B 416 8.35 8.33 1.81
C PHE B 416 9.25 9.07 2.79
N VAL B 417 9.07 10.39 2.81
CA VAL B 417 9.81 11.28 3.71
C VAL B 417 8.92 11.59 4.89
N ASN B 418 9.37 11.25 6.10
CA ASN B 418 8.61 11.46 7.32
C ASN B 418 9.17 12.54 8.21
N THR B 419 10.37 13.08 7.90
CA THR B 419 10.97 14.16 8.65
C THR B 419 11.04 15.41 7.80
N PRO B 420 10.57 16.56 8.27
CA PRO B 420 10.55 17.77 7.42
C PRO B 420 11.97 18.20 7.06
N PRO B 421 12.26 18.36 5.77
CA PRO B 421 13.59 18.86 5.39
C PRO B 421 13.72 20.37 5.60
N LEU B 422 14.89 20.77 6.11
CA LEU B 422 15.19 22.20 6.19
C LEU B 422 15.37 22.82 4.80
N VAL B 423 15.74 22.01 3.80
CA VAL B 423 16.03 22.57 2.48
C VAL B 423 14.81 23.15 1.80
N LYS B 424 13.59 22.86 2.29
CA LYS B 424 12.40 23.45 1.71
C LYS B 424 12.53 24.96 1.62
N LEU B 425 13.13 25.56 2.65
CA LEU B 425 13.23 27.02 2.73
C LEU B 425 14.02 27.60 1.57
N TRP B 426 15.05 26.88 1.10
CA TRP B 426 16.01 27.39 0.12
CA TRP B 426 15.95 27.48 0.13
C TRP B 426 15.54 27.24 -1.32
N TYR B 427 14.61 26.32 -1.58
CA TYR B 427 14.03 26.20 -2.91
C TYR B 427 12.77 27.05 -3.06
N GLN B 428 12.33 27.72 -1.99
CA GLN B 428 11.18 28.62 -2.05
C GLN B 428 11.44 29.71 -3.09
C U4D C . 5.63 -44.11 9.87
N U4D C . 6.91 -44.16 9.49
O U4D C . 4.87 -45.16 9.58
C1 U4D C . 5.06 -43.05 10.57
C2 U4D C . 5.88 -41.98 10.85
C3 U4D C . 7.22 -41.99 10.46
C4 U4D C . 7.68 -43.11 9.78
C5 U4D C . 8.11 -40.82 10.76
F U4D C . 7.57 -39.66 10.39
F1 U4D C . 8.37 -40.70 12.06
F2 U4D C . 9.29 -40.87 10.15
C1 T27 D . -21.80 -16.07 2.75
N2 T27 D . -25.08 -11.73 0.69
C3 T27 D . -22.88 -17.70 4.13
C4 T27 D . -23.94 -17.77 3.25
C5 T27 D . -23.94 -16.97 2.11
C6 T27 D . -22.88 -16.12 1.86
C7 T27 D . -20.64 -15.16 2.49
C2 T27 D . -21.81 -16.86 3.88
C8 T27 D . -25.11 -17.06 1.18
N1 T27 D . -22.89 -15.30 0.66
C9 T27 D . -24.23 -11.95 -0.33
C10 T27 D . -23.48 -13.13 -0.37
C11 T27 D . -23.64 -14.06 0.65
N3 T27 D . -24.52 -13.78 1.63
C12 T27 D . -25.23 -12.64 1.65
N4 T27 D . -26.17 -12.32 2.71
C13 T27 D . -27.62 -14.80 5.81
C14 T27 D . -28.18 -13.56 5.55
C15 T27 D . -27.68 -12.78 4.53
C16 T27 D . -26.62 -13.21 3.74
C17 T27 D . -26.05 -14.45 4.01
C18 T27 D . -26.56 -15.25 5.04
N5 T27 D . -28.59 -16.28 7.77
C19 T27 D . -28.16 -15.64 6.92
C20 T27 D . -21.93 -19.46 5.65
C21 T27 D . -22.92 -18.55 5.36
N6 T27 D . -22.30 -21.06 7.72
C22 T27 D . -22.15 -20.37 6.82
S DMS E . -5.34 12.11 25.86
O DMS E . -5.04 13.22 24.48
C1 DMS E . -3.82 11.93 26.85
C2 DMS E . -6.39 12.94 27.09
S DMS F . -0.41 30.24 19.90
O DMS F . -0.75 28.91 21.07
C1 DMS F . 1.37 30.30 19.56
C2 DMS F . -1.04 29.78 18.27
S DMS G . 24.92 13.50 21.23
O DMS G . 23.26 14.17 21.24
C1 DMS G . 25.90 14.31 19.95
C2 DMS G . 25.83 14.04 22.71
C1 EDO H . -10.88 -27.85 -11.86
O1 EDO H . -11.65 -28.16 -13.00
C2 EDO H . -10.45 -26.40 -11.68
O2 EDO H . -9.74 -25.92 -12.83
C1 EDO I . -0.82 20.27 17.37
O1 EDO I . -2.05 20.61 17.95
C2 EDO I . -0.36 21.29 16.42
O2 EDO I . 0.47 22.25 17.02
MG MG J . 26.50 25.37 19.90
S SO4 K . -0.67 5.94 28.05
O1 SO4 K . -0.62 7.14 27.27
O2 SO4 K . -1.08 6.25 29.39
O3 SO4 K . -1.60 5.01 27.48
O4 SO4 K . 0.64 5.35 28.08
S SO4 L . -9.29 -39.62 2.53
O1 SO4 L . -8.86 -38.68 1.57
O2 SO4 L . -9.99 -39.06 3.65
O3 SO4 L . -10.23 -40.44 1.83
O4 SO4 L . -8.16 -40.36 2.96
S DMS M . -9.64 5.05 -3.57
O DMS M . -9.28 5.21 -1.81
C1 DMS M . -9.72 3.30 -4.02
C2 DMS M . -11.36 5.55 -3.87
S DMS N . 4.84 -23.60 -10.74
O DMS N . 4.13 -22.76 -9.32
C1 DMS N . 4.07 -25.23 -10.93
C2 DMS N . 4.20 -22.82 -12.25
S DMS O . -12.01 -5.11 -2.97
O DMS O . -12.34 -6.49 -2.59
C1 DMS O . -11.10 -5.11 -4.37
C2 DMS O . -13.48 -4.26 -3.27
S DMS P . 4.24 22.16 -21.31
O DMS P . 2.96 21.55 -20.19
C1 DMS P . 5.35 23.28 -20.42
C2 DMS P . 5.41 20.82 -21.63
S DMS Q . -1.15 0.43 -3.38
O DMS Q . 0.14 1.62 -3.12
C1 DMS Q . -1.89 -0.01 -1.79
C2 DMS Q . -2.55 1.29 -4.14
S DMS R . 21.94 22.01 5.98
O DMS R . 20.48 23.05 6.04
C1 DMS R . 21.97 21.07 4.43
C2 DMS R . 23.39 23.07 5.71
C1 EDO S . -15.42 -9.48 -9.95
O1 EDO S . -15.22 -10.76 -9.34
C2 EDO S . -16.90 -9.23 -10.18
O2 EDO S . -17.60 -9.26 -8.93
S SO4 T . 3.99 24.63 3.22
O1 SO4 T . 3.16 25.43 2.21
O2 SO4 T . 4.30 25.56 4.39
O3 SO4 T . 3.11 23.63 3.74
O4 SO4 T . 5.23 24.37 2.58
#